data_4NGS
#
_entry.id   4NGS
#
_cell.length_a   101.445
_cell.length_b   130.046
_cell.length_c   159.123
_cell.angle_alpha   90.000
_cell.angle_beta   90.000
_cell.angle_gamma   90.000
#
_symmetry.space_group_name_H-M   'I 2 2 2'
#
loop_
_entity.id
_entity.type
_entity.pdbx_description
1 polymer 'Glutamate carboxypeptidase 2'
2 branched 2-acetamido-2-deoxy-beta-D-glucopyranose-(1-4)-2-acetamido-2-deoxy-beta-D-glucopyranose
3 branched alpha-D-mannopyranose-(1-3)-beta-D-mannopyranose-(1-4)-2-acetamido-2-deoxy-beta-D-glucopyranose-(1-4)-2-acetamido-2-deoxy-beta-D-glucopyranose
4 non-polymer 2-acetamido-2-deoxy-beta-D-glucopyranose
5 non-polymer 'N-{[(1S)-1-carboxy-5-({[2-({4,44-dioxo-48-[(3aS,4S,6aR)-2-oxohexahydro-1H-thieno[3,4-d]imidazol-4-yl]-7,10,13,16,19,22,25,28,31,34,37,40-dodecaoxa-3,43-diazaoctatetracont-1-yl}oxy)phenyl]carbamoyl}amino)pentyl]carbamoyl}-L-glutamic acid'
6 non-polymer 'ZINC ION'
7 non-polymer 'CHLORIDE ION'
8 non-polymer 'CALCIUM ION'
9 water water
#
_entity_poly.entity_id   1
_entity_poly.type   'polypeptide(L)'
_entity_poly.pdbx_seq_one_letter_code
;RSGLNDIFEAQKIEWHEGSGSGSENLYFQGRSKSSNEATNITPKHNMKAFLDELKAENIKKFLYNFTQIPHLAGTEQNFQ
LAKQIQSQWKEFGLDSVELAHYDVLLSYPNKTHPNYISIINEDGNEIFNTSLFEPPPPGYENVSDIVPPFSAFSPQGMPE
GDLVYVNYARTEDFFKLERDMKINCSGKIVIARYGKVFRGNKVKNAQLAGAKGVILYSDPADYFAPGVKSYPDGWNLPGG
GVQRGNILNLNGAGDPLTPGYPANEYAYRRGIAEAVGLPSIPVHPIGYYDAQKLLEKMGGSAPPDSSWRGSLKVPYNVGP
GFTGNFSTQKVKMHIHSTNEVTRIYNVIGTLRGAVEPDRYVILGGHRDSWVFGGIDPQSGAAVVHEIVRSFGTLKKEGWR
PRRTILFASWDAEEFGLLGSTEWAEENSRLLQERGVAYINADSSIEGNYTLRVDCTPLMYSLVHNLTKELKSPDEGFEGK
SLYESWTKKSPSPEFSGMPRISKLGSGNDFEVFFQRLGIASGRARYTKNWETNKFSGYPLYHSVYETYELVEKFYDPMFK
YHLTVAQVRGGMVFELANSIVLPFDCRDYAVVLRKYADKIYSISMKHPQEMKTYSVSFDSLFSAVKNFTEIASKFSERLQ
DFDKSNPIVLRMMNDQLMFLERAFIDPLGLPDRPFYRHVIYAPSSHNKYAGESFPGIYDALFDIESKVDPSKAWGEVKRQ
IYVAAFTVQAAAETLSEVA
;
_entity_poly.pdbx_strand_id   A
#
loop_
_chem_comp.id
_chem_comp.type
_chem_comp.name
_chem_comp.formula
BMA D-saccharide, beta linking beta-D-mannopyranose 'C6 H12 O6'
CA non-polymer 'CALCIUM ION' 'Ca 2'
CL non-polymer 'CHLORIDE ION' 'Cl -1'
J34 non-polymer 'N-{[(1S)-1-carboxy-5-({[2-({4,44-dioxo-48-[(3aS,4S,6aR)-2-oxohexahydro-1H-thieno[3,4-d]imidazol-4-yl]-7,10,13,16,19,22,25,28,31,34,37,40-dodecaoxa-3,43-diazaoctatetracont-1-yl}oxy)phenyl]carbamoyl}amino)pentyl]carbamoyl}-L-glutamic acid' 'C58 H98 N8 O24 S'
MAN D-saccharide, alpha linking alpha-D-mannopyranose 'C6 H12 O6'
NAG D-saccharide, beta linking 2-acetamido-2-deoxy-beta-D-glucopyranose 'C8 H15 N O6'
ZN non-polymer 'ZINC ION' 'Zn 2'
#
# COMPACT_ATOMS: atom_id res chain seq x y z
N LYS A 44 -20.71 -31.40 6.17
CA LYS A 44 -21.20 -30.21 5.39
C LYS A 44 -20.02 -29.45 4.79
N HIS A 45 -20.24 -28.91 3.60
CA HIS A 45 -19.26 -28.02 3.01
C HIS A 45 -19.78 -26.63 3.28
N ASN A 46 -19.33 -26.03 4.38
CA ASN A 46 -19.75 -24.69 4.72
C ASN A 46 -18.47 -23.94 5.09
N MET A 47 -18.63 -22.77 5.69
CA MET A 47 -17.43 -22.01 5.95
C MET A 47 -16.57 -22.67 7.04
N LYS A 48 -17.22 -23.31 8.01
CA LYS A 48 -16.49 -23.99 9.06
C LYS A 48 -15.56 -25.06 8.49
N ALA A 49 -16.05 -25.84 7.52
CA ALA A 49 -15.27 -26.85 6.85
C ALA A 49 -14.05 -26.20 6.21
N PHE A 50 -14.29 -25.14 5.45
CA PHE A 50 -13.14 -24.40 4.88
C PHE A 50 -12.13 -23.91 5.95
N LEU A 51 -12.61 -23.25 6.99
CA LEU A 51 -11.78 -22.67 8.02
C LEU A 51 -11.00 -23.73 8.79
N ASP A 52 -11.63 -24.87 9.06
CA ASP A 52 -10.99 -25.89 9.92
C ASP A 52 -9.90 -26.60 9.15
N GLU A 53 -9.97 -26.62 7.83
CA GLU A 53 -8.94 -27.21 7.03
C GLU A 53 -7.62 -26.41 7.00
N LEU A 54 -7.68 -25.10 7.28
CA LEU A 54 -6.45 -24.25 7.29
C LEU A 54 -5.54 -24.70 8.46
N LYS A 55 -4.24 -24.89 8.23
CA LYS A 55 -3.30 -25.33 9.32
C LYS A 55 -2.11 -24.37 9.46
N ALA A 56 -1.87 -23.90 10.67
CA ALA A 56 -0.65 -23.14 11.00
C ALA A 56 0.59 -23.83 10.48
N GLU A 57 0.66 -25.15 10.62
CA GLU A 57 1.87 -25.85 10.22
C GLU A 57 2.16 -25.83 8.72
N ASN A 58 1.10 -25.78 7.90
CA ASN A 58 1.26 -25.67 6.47
C ASN A 58 1.76 -24.30 6.10
N ILE A 59 1.20 -23.27 6.72
CA ILE A 59 1.63 -21.88 6.44
C ILE A 59 3.14 -21.80 6.76
N LYS A 60 3.57 -22.42 7.87
CA LYS A 60 5.02 -22.34 8.24
C LYS A 60 5.87 -23.04 7.21
N LYS A 61 5.49 -24.26 6.80
CA LYS A 61 6.21 -24.95 5.74
C LYS A 61 6.28 -24.13 4.44
N PHE A 62 5.16 -23.49 4.07
CA PHE A 62 5.21 -22.71 2.81
C PHE A 62 6.12 -21.48 2.99
N LEU A 63 6.05 -20.85 4.13
CA LEU A 63 6.88 -19.66 4.33
C LEU A 63 8.36 -20.04 4.25
N TYR A 64 8.74 -21.13 4.92
CA TYR A 64 10.13 -21.61 4.77
C TYR A 64 10.49 -21.86 3.31
N ASN A 65 9.60 -22.51 2.56
CA ASN A 65 9.87 -22.85 1.19
C ASN A 65 10.07 -21.61 0.28
N PHE A 66 9.39 -20.50 0.63
CA PHE A 66 9.37 -19.34 -0.25
C PHE A 66 10.46 -18.34 0.09
N THR A 67 11.30 -18.61 1.14
CA THR A 67 12.16 -17.56 1.62
C THR A 67 13.65 -17.98 1.71
N GLN A 68 14.01 -19.06 1.04
CA GLN A 68 15.42 -19.57 1.09
C GLN A 68 16.34 -18.85 0.14
N ILE A 69 15.79 -18.32 -0.97
CA ILE A 69 16.62 -17.57 -1.97
C ILE A 69 15.86 -16.28 -2.28
N PRO A 70 16.56 -15.25 -2.78
CA PRO A 70 15.83 -14.02 -3.17
C PRO A 70 14.91 -14.27 -4.36
N HIS A 71 13.78 -13.53 -4.39
CA HIS A 71 12.87 -13.59 -5.54
C HIS A 71 12.61 -12.21 -6.10
N LEU A 72 13.68 -11.52 -6.48
CA LEU A 72 13.57 -10.18 -7.06
C LEU A 72 12.79 -10.21 -8.38
N ALA A 73 11.87 -9.24 -8.54
CA ALA A 73 11.14 -9.15 -9.80
C ALA A 73 12.09 -9.11 -11.00
N GLY A 74 11.72 -9.91 -11.99
CA GLY A 74 12.40 -9.94 -13.27
C GLY A 74 13.58 -10.87 -13.26
N THR A 75 13.85 -11.56 -12.16
CA THR A 75 14.98 -12.49 -12.11
C THR A 75 14.54 -13.95 -12.37
N GLU A 76 15.50 -14.81 -12.74
CA GLU A 76 15.16 -16.21 -13.00
C GLU A 76 14.55 -16.91 -11.78
N GLN A 77 15.08 -16.63 -10.58
CA GLN A 77 14.58 -17.24 -9.37
C GLN A 77 13.09 -16.96 -9.17
N ASN A 78 12.64 -15.75 -9.57
CA ASN A 78 11.24 -15.43 -9.30
C ASN A 78 10.33 -16.04 -10.37
N PHE A 79 10.85 -16.26 -11.58
CA PHE A 79 10.13 -17.02 -12.62
C PHE A 79 10.03 -18.47 -12.18
N GLN A 80 11.15 -19.05 -11.67
CA GLN A 80 11.02 -20.43 -11.11
C GLN A 80 9.98 -20.57 -10.03
N LEU A 81 9.94 -19.61 -9.10
CA LEU A 81 8.93 -19.70 -8.07
C LEU A 81 7.50 -19.59 -8.67
N ALA A 82 7.31 -18.66 -9.64
CA ALA A 82 6.00 -18.60 -10.33
C ALA A 82 5.58 -19.97 -10.89
N LYS A 83 6.52 -20.62 -11.51
CA LYS A 83 6.22 -21.95 -12.13
C LYS A 83 5.88 -22.96 -11.06
N GLN A 84 6.61 -22.89 -9.91
CA GLN A 84 6.24 -23.76 -8.79
C GLN A 84 4.84 -23.53 -8.24
N ILE A 85 4.48 -22.26 -8.02
CA ILE A 85 3.17 -21.94 -7.47
C ILE A 85 2.09 -22.40 -8.48
N GLN A 86 2.37 -22.18 -9.76
CA GLN A 86 1.38 -22.59 -10.85
C GLN A 86 1.13 -24.12 -10.72
N SER A 87 2.22 -24.87 -10.59
CA SER A 87 2.10 -26.33 -10.51
CA SER A 87 2.17 -26.34 -10.48
C SER A 87 1.38 -26.77 -9.26
N GLN A 88 1.72 -26.16 -8.11
CA GLN A 88 1.00 -26.48 -6.88
C GLN A 88 -0.45 -26.11 -6.83
N TRP A 89 -0.82 -24.90 -7.29
CA TRP A 89 -2.23 -24.56 -7.37
C TRP A 89 -3.02 -25.55 -8.25
N LYS A 90 -2.42 -26.02 -9.35
CA LYS A 90 -2.99 -27.12 -10.21
C LYS A 90 -3.17 -28.37 -9.35
N GLU A 91 -2.09 -28.87 -8.70
CA GLU A 91 -2.21 -30.05 -7.79
C GLU A 91 -3.28 -29.84 -6.71
N PHE A 92 -3.41 -28.61 -6.17
CA PHE A 92 -4.34 -28.32 -5.06
C PHE A 92 -5.81 -28.40 -5.51
N GLY A 93 -6.04 -28.33 -6.83
CA GLY A 93 -7.35 -28.65 -7.46
C GLY A 93 -8.02 -27.51 -8.23
N LEU A 94 -7.34 -26.38 -8.42
CA LEU A 94 -7.99 -25.29 -9.19
C LEU A 94 -8.31 -25.74 -10.59
N ASP A 95 -9.33 -25.11 -11.18
CA ASP A 95 -9.73 -25.46 -12.54
C ASP A 95 -8.76 -25.09 -13.61
N SER A 96 -8.13 -23.91 -13.55
CA SER A 96 -7.06 -23.60 -14.47
C SER A 96 -6.08 -22.71 -13.71
N VAL A 97 -4.85 -22.79 -14.12
CA VAL A 97 -3.83 -21.95 -13.49
C VAL A 97 -2.90 -21.52 -14.62
N GLU A 98 -2.82 -20.21 -14.92
CA GLU A 98 -2.01 -19.79 -16.04
C GLU A 98 -1.01 -18.73 -15.61
N LEU A 99 0.05 -18.54 -16.39
CA LEU A 99 0.96 -17.41 -16.13
C LEU A 99 0.52 -16.31 -17.07
N ALA A 100 0.45 -15.07 -16.60
CA ALA A 100 0.15 -13.94 -17.46
C ALA A 100 1.42 -13.07 -17.37
N HIS A 101 2.10 -12.88 -18.49
CA HIS A 101 3.39 -12.15 -18.46
C HIS A 101 3.27 -10.82 -19.16
N TYR A 102 4.18 -9.88 -18.83
CA TYR A 102 4.19 -8.52 -19.37
C TYR A 102 5.66 -8.12 -19.40
N ASP A 103 5.97 -7.17 -20.25
CA ASP A 103 7.35 -6.64 -20.32
C ASP A 103 7.30 -5.20 -19.88
N VAL A 104 7.79 -4.96 -18.66
CA VAL A 104 7.63 -3.65 -17.98
C VAL A 104 9.01 -3.05 -17.64
N LEU A 105 9.03 -1.72 -17.44
CA LEU A 105 10.27 -1.06 -16.98
C LEU A 105 10.61 -1.43 -15.54
N LEU A 106 11.79 -2.07 -15.34
CA LEU A 106 12.32 -2.33 -13.99
C LEU A 106 13.65 -1.59 -13.88
N SER A 107 14.27 -1.72 -12.71
CA SER A 107 15.47 -0.94 -12.41
C SER A 107 16.42 -1.79 -11.55
N TYR A 108 17.73 -1.79 -11.85
CA TYR A 108 18.67 -2.64 -11.12
C TYR A 108 20.01 -1.94 -11.01
N PRO A 109 20.70 -2.15 -9.91
CA PRO A 109 22.05 -1.57 -9.86
C PRO A 109 22.92 -2.23 -10.91
N ASN A 110 24.01 -1.55 -11.25
CA ASN A 110 25.02 -2.15 -12.15
C ASN A 110 26.00 -2.99 -11.31
N LYS A 111 26.00 -4.29 -11.57
CA LYS A 111 26.82 -5.27 -10.83
C LYS A 111 28.33 -4.97 -10.85
N THR A 112 28.83 -4.35 -11.91
CA THR A 112 30.28 -4.04 -11.95
C THR A 112 30.60 -2.55 -11.71
N HIS A 113 29.61 -1.77 -11.31
CA HIS A 113 29.85 -0.39 -11.06
C HIS A 113 28.97 0.07 -9.88
N PRO A 114 29.35 -0.26 -8.64
CA PRO A 114 28.35 -0.15 -7.54
C PRO A 114 28.00 1.24 -7.11
N ASN A 115 26.79 1.37 -6.56
CA ASN A 115 26.35 2.67 -6.07
C ASN A 115 26.97 2.99 -4.70
N TYR A 116 27.35 4.24 -4.46
CA TYR A 116 27.78 4.63 -3.10
C TYR A 116 27.82 6.14 -3.00
N ILE A 117 27.97 6.64 -1.76
CA ILE A 117 28.03 8.07 -1.52
C ILE A 117 29.38 8.33 -0.79
N SER A 118 29.97 9.47 -1.09
CA SER A 118 31.23 9.92 -0.44
C SER A 118 31.13 11.26 0.26
N ILE A 119 31.99 11.43 1.30
CA ILE A 119 32.42 12.80 1.64
C ILE A 119 33.74 13.03 0.86
N ILE A 120 33.83 14.15 0.17
CA ILE A 120 34.96 14.44 -0.71
C ILE A 120 35.62 15.74 -0.19
N ASN A 121 36.94 15.75 -0.03
CA ASN A 121 37.64 17.00 0.41
C ASN A 121 37.94 17.93 -0.76
N GLU A 122 38.42 19.14 -0.48
CA GLU A 122 38.71 20.14 -1.55
C GLU A 122 39.64 19.69 -2.69
N ASP A 123 40.45 18.65 -2.47
CA ASP A 123 41.25 18.04 -3.54
C ASP A 123 40.40 17.11 -4.39
N GLY A 124 39.34 16.59 -3.79
CA GLY A 124 38.57 15.56 -4.45
C GLY A 124 39.02 14.17 -4.02
N ASN A 125 39.59 14.05 -2.83
CA ASN A 125 39.78 12.70 -2.30
C ASN A 125 38.51 12.33 -1.56
N GLU A 126 38.08 11.10 -1.80
CA GLU A 126 36.92 10.58 -1.10
C GLU A 126 37.39 10.02 0.22
N ILE A 127 37.10 10.77 1.27
CA ILE A 127 37.63 10.46 2.60
C ILE A 127 36.70 9.58 3.40
N PHE A 128 35.46 9.42 2.92
CA PHE A 128 34.53 8.50 3.57
C PHE A 128 33.58 7.96 2.49
N ASN A 129 33.35 6.65 2.52
CA ASN A 129 32.48 5.96 1.59
C ASN A 129 31.41 5.20 2.32
N THR A 130 30.15 5.33 1.86
CA THR A 130 29.06 4.48 2.43
C THR A 130 29.23 3.03 1.99
N SER A 131 28.55 2.10 2.68
CA SER A 131 28.74 0.68 2.40
C SER A 131 28.29 0.23 1.00
N LEU A 132 28.86 -0.85 0.47
CA LEU A 132 28.42 -1.33 -0.87
C LEU A 132 27.38 -2.44 -0.72
N PHE A 133 27.14 -2.89 0.52
CA PHE A 133 26.16 -3.97 0.77
C PHE A 133 25.85 -4.04 2.24
N GLU A 134 24.71 -4.65 2.58
CA GLU A 134 24.39 -4.92 3.99
C GLU A 134 25.12 -6.17 4.41
N PRO A 135 25.69 -6.18 5.63
CA PRO A 135 26.24 -7.46 6.12
C PRO A 135 25.21 -8.59 6.12
N PRO A 136 25.49 -9.71 5.43
CA PRO A 136 24.42 -10.68 5.34
C PRO A 136 24.16 -11.35 6.67
N PRO A 137 22.89 -11.75 6.91
CA PRO A 137 22.63 -12.39 8.17
C PRO A 137 23.26 -13.78 8.33
N PRO A 138 23.29 -14.27 9.60
CA PRO A 138 23.93 -15.59 9.82
C PRO A 138 23.41 -16.76 8.96
N GLY A 139 24.33 -17.42 8.25
CA GLY A 139 23.96 -18.56 7.45
C GLY A 139 23.55 -18.27 5.99
N TYR A 140 23.46 -16.98 5.67
CA TYR A 140 23.20 -16.47 4.29
C TYR A 140 24.35 -15.67 3.78
N GLU A 141 25.50 -15.69 4.47
CA GLU A 141 26.64 -14.95 3.96
C GLU A 141 27.16 -15.51 2.61
N ASN A 142 26.76 -16.73 2.23
CA ASN A 142 27.11 -17.31 0.91
C ASN A 142 25.96 -17.33 -0.11
N VAL A 143 24.83 -16.72 0.23
CA VAL A 143 23.75 -16.63 -0.72
C VAL A 143 24.16 -15.63 -1.84
N SER A 144 23.94 -16.02 -3.09
N SER A 144 23.92 -16.03 -3.08
CA SER A 144 24.25 -15.14 -4.20
CA SER A 144 24.23 -15.18 -4.22
C SER A 144 22.99 -14.37 -4.64
C SER A 144 22.98 -14.40 -4.70
N ASP A 145 23.24 -13.30 -5.38
CA ASP A 145 22.19 -12.52 -5.99
C ASP A 145 21.38 -11.77 -4.92
N ILE A 146 21.97 -11.42 -3.78
CA ILE A 146 21.30 -10.44 -2.92
C ILE A 146 21.51 -9.07 -3.56
N VAL A 147 20.43 -8.42 -4.02
CA VAL A 147 20.58 -7.11 -4.65
C VAL A 147 21.04 -6.11 -3.58
N PRO A 148 22.13 -5.34 -3.83
CA PRO A 148 22.50 -4.35 -2.80
C PRO A 148 21.46 -3.23 -2.63
N PRO A 149 21.46 -2.55 -1.44
CA PRO A 149 20.54 -1.43 -1.28
C PRO A 149 20.66 -0.44 -2.42
N PHE A 150 19.50 -0.02 -2.96
CA PHE A 150 19.40 1.03 -3.92
C PHE A 150 17.96 1.53 -3.96
N SER A 151 17.81 2.70 -4.59
CA SER A 151 16.48 3.31 -4.80
C SER A 151 16.05 2.99 -6.25
N ALA A 152 15.11 2.05 -6.41
CA ALA A 152 14.69 1.69 -7.77
C ALA A 152 14.14 2.88 -8.54
N PHE A 153 14.65 3.04 -9.77
CA PHE A 153 14.27 4.01 -10.79
C PHE A 153 15.06 5.31 -10.68
N SER A 154 15.99 5.35 -9.75
CA SER A 154 16.87 6.56 -9.71
C SER A 154 17.55 6.71 -11.08
N PRO A 155 17.68 7.96 -11.57
CA PRO A 155 18.53 8.20 -12.75
C PRO A 155 20.00 8.06 -12.34
N GLN A 156 20.89 7.98 -13.33
CA GLN A 156 22.34 7.90 -13.05
C GLN A 156 22.82 9.31 -12.83
N GLY A 157 23.89 9.46 -12.04
CA GLY A 157 24.55 10.78 -11.98
C GLY A 157 25.60 10.70 -10.89
N MET A 158 26.45 11.74 -10.84
CA MET A 158 27.45 11.81 -9.78
C MET A 158 27.47 13.22 -9.23
N PRO A 159 26.31 13.72 -8.74
CA PRO A 159 26.20 15.10 -8.23
C PRO A 159 27.04 15.29 -6.97
N GLU A 160 27.61 16.50 -6.85
CA GLU A 160 28.46 16.84 -5.73
C GLU A 160 27.97 18.15 -5.14
N GLY A 161 27.93 18.25 -3.82
CA GLY A 161 27.36 19.46 -3.25
C GLY A 161 27.29 19.50 -1.76
N ASP A 162 26.65 20.55 -1.26
CA ASP A 162 26.45 20.68 0.19
C ASP A 162 25.11 20.08 0.61
N LEU A 163 25.11 19.44 1.77
CA LEU A 163 23.89 18.81 2.31
C LEU A 163 22.94 19.77 2.94
N VAL A 164 21.63 19.52 2.79
CA VAL A 164 20.63 20.13 3.65
C VAL A 164 19.87 18.96 4.25
N TYR A 165 19.65 19.01 5.57
CA TYR A 165 18.82 18.02 6.25
C TYR A 165 17.35 18.47 6.31
N VAL A 166 16.44 17.62 5.83
CA VAL A 166 15.06 18.04 5.58
C VAL A 166 14.06 17.22 6.41
N ASN A 167 14.52 16.64 7.51
CA ASN A 167 13.69 15.84 8.38
C ASN A 167 13.09 14.67 7.55
N TYR A 168 11.76 14.53 7.54
CA TYR A 168 11.14 13.43 6.77
C TYR A 168 10.84 13.81 5.33
N ALA A 169 11.25 15.00 4.88
CA ALA A 169 11.04 15.48 3.51
C ALA A 169 9.50 15.49 3.15
N ARG A 170 8.68 15.73 4.18
CA ARG A 170 7.24 15.93 4.00
C ARG A 170 6.96 17.31 3.44
N THR A 171 5.74 17.48 2.90
CA THR A 171 5.32 18.76 2.40
C THR A 171 5.52 19.85 3.51
N GLU A 172 5.09 19.52 4.73
CA GLU A 172 5.24 20.50 5.86
C GLU A 172 6.70 20.72 6.28
N ASP A 173 7.55 19.71 6.05
CA ASP A 173 9.02 19.90 6.34
C ASP A 173 9.61 20.93 5.40
N PHE A 174 9.24 20.84 4.12
CA PHE A 174 9.72 21.79 3.15
C PHE A 174 9.11 23.18 3.31
N PHE A 175 7.83 23.23 3.73
CA PHE A 175 7.20 24.53 4.06
C PHE A 175 8.03 25.22 5.16
N LYS A 176 8.38 24.45 6.20
CA LYS A 176 9.10 24.99 7.36
C LYS A 176 10.49 25.52 6.97
N LEU A 177 11.21 24.74 6.17
CA LEU A 177 12.51 25.13 5.64
C LEU A 177 12.45 26.38 4.81
N GLU A 178 11.51 26.42 3.86
CA GLU A 178 11.48 27.49 2.87
C GLU A 178 10.80 28.74 3.33
N ARG A 179 9.66 28.58 3.99
CA ARG A 179 8.82 29.70 4.37
C ARG A 179 9.28 30.33 5.68
N ASP A 180 9.51 29.49 6.70
CA ASP A 180 9.88 29.93 8.06
C ASP A 180 11.38 30.11 8.24
N MET A 181 12.17 29.15 7.78
CA MET A 181 13.61 29.22 8.05
C MET A 181 14.39 29.89 6.95
N LYS A 182 13.75 30.13 5.81
CA LYS A 182 14.39 30.71 4.61
C LYS A 182 15.56 29.93 4.07
N ILE A 183 15.56 28.62 4.21
CA ILE A 183 16.66 27.84 3.63
C ILE A 183 16.32 27.41 2.18
N ASN A 184 17.22 27.67 1.24
CA ASN A 184 16.99 27.40 -0.19
C ASN A 184 17.65 26.06 -0.53
N CYS A 185 16.88 25.06 -0.99
CA CYS A 185 17.47 23.74 -1.32
C CYS A 185 17.97 23.66 -2.74
N SER A 186 17.78 24.74 -3.50
CA SER A 186 18.15 24.73 -4.89
C SER A 186 19.65 24.38 -5.09
N GLY A 187 19.93 23.31 -5.84
CA GLY A 187 21.31 22.88 -6.08
C GLY A 187 22.01 22.21 -4.91
N LYS A 188 21.28 21.91 -3.83
CA LYS A 188 21.79 21.19 -2.66
C LYS A 188 21.48 19.67 -2.75
N ILE A 189 22.27 18.84 -2.07
CA ILE A 189 21.90 17.44 -1.87
C ILE A 189 21.13 17.35 -0.59
N VAL A 190 19.91 16.79 -0.64
CA VAL A 190 19.19 16.73 0.59
C VAL A 190 19.29 15.35 1.22
N ILE A 191 19.35 15.35 2.54
CA ILE A 191 19.32 14.12 3.29
C ILE A 191 18.06 14.09 4.13
N ALA A 192 17.30 12.99 4.02
CA ALA A 192 16.04 12.84 4.68
C ALA A 192 15.97 11.51 5.36
N ARG A 193 15.33 11.46 6.53
CA ARG A 193 15.06 10.23 7.18
C ARG A 193 13.79 9.61 6.63
N TYR A 194 13.89 8.28 6.47
CA TYR A 194 12.73 7.50 6.06
C TYR A 194 11.66 7.66 7.15
N GLY A 195 10.39 7.41 6.78
CA GLY A 195 9.31 7.31 7.78
C GLY A 195 8.20 8.30 7.47
N LYS A 196 7.05 8.09 8.11
CA LYS A 196 5.87 9.02 8.06
C LYS A 196 5.16 9.02 6.72
N VAL A 197 5.91 9.08 5.60
CA VAL A 197 5.24 9.13 4.25
C VAL A 197 5.98 8.25 3.26
N PHE A 198 5.30 7.88 2.16
CA PHE A 198 5.96 7.11 1.12
C PHE A 198 7.21 7.82 0.52
N ARG A 199 8.25 7.02 0.32
CA ARG A 199 9.53 7.63 -0.17
C ARG A 199 9.45 8.35 -1.50
N GLY A 200 8.56 7.91 -2.41
CA GLY A 200 8.35 8.60 -3.66
C GLY A 200 7.88 10.05 -3.44
N ASN A 201 7.02 10.28 -2.41
CA ASN A 201 6.58 11.62 -2.13
C ASN A 201 7.74 12.48 -1.63
N LYS A 202 8.60 11.89 -0.81
CA LYS A 202 9.82 12.61 -0.37
C LYS A 202 10.64 13.08 -1.55
N VAL A 203 10.84 12.20 -2.55
CA VAL A 203 11.74 12.51 -3.64
C VAL A 203 11.08 13.57 -4.53
N LYS A 204 9.75 13.45 -4.75
CA LYS A 204 9.01 14.46 -5.51
C LYS A 204 9.15 15.84 -4.82
N ASN A 205 8.98 15.84 -3.50
CA ASN A 205 9.04 17.06 -2.70
C ASN A 205 10.46 17.65 -2.79
N ALA A 206 11.48 16.80 -2.68
CA ALA A 206 12.91 17.33 -2.82
C ALA A 206 13.14 17.90 -4.20
N GLN A 207 12.65 17.19 -5.23
CA GLN A 207 12.82 17.66 -6.59
C GLN A 207 12.16 19.03 -6.80
N LEU A 208 10.94 19.21 -6.28
CA LEU A 208 10.26 20.46 -6.46
C LEU A 208 10.93 21.60 -5.69
N ALA A 209 11.58 21.28 -4.57
CA ALA A 209 12.43 22.27 -3.84
C ALA A 209 13.75 22.61 -4.57
N GLY A 210 14.06 21.97 -5.69
CA GLY A 210 15.30 22.22 -6.48
C GLY A 210 16.53 21.41 -6.04
N ALA A 211 16.34 20.36 -5.23
CA ALA A 211 17.48 19.53 -4.85
C ALA A 211 18.14 18.91 -6.07
N LYS A 212 19.43 18.63 -5.96
CA LYS A 212 20.06 17.91 -7.05
C LYS A 212 20.36 16.44 -6.75
N GLY A 213 19.93 15.97 -5.58
CA GLY A 213 20.15 14.57 -5.18
C GLY A 213 19.43 14.35 -3.88
N VAL A 214 19.09 13.11 -3.54
CA VAL A 214 18.45 12.86 -2.26
C VAL A 214 19.11 11.64 -1.65
N ILE A 215 19.46 11.72 -0.35
CA ILE A 215 19.97 10.59 0.40
C ILE A 215 18.92 10.24 1.42
N LEU A 216 18.46 8.97 1.45
CA LEU A 216 17.46 8.53 2.39
C LEU A 216 18.17 7.68 3.41
N TYR A 217 17.79 7.80 4.69
CA TYR A 217 18.38 6.88 5.70
C TYR A 217 17.40 6.48 6.76
N SER A 218 17.65 5.38 7.42
CA SER A 218 16.83 4.90 8.52
C SER A 218 17.34 5.41 9.88
N ASP A 219 16.57 6.28 10.53
CA ASP A 219 17.00 6.77 11.87
C ASP A 219 16.55 5.77 12.93
N PRO A 220 17.42 5.49 13.93
CA PRO A 220 16.95 4.64 15.02
C PRO A 220 15.72 5.17 15.74
N ALA A 221 15.49 6.46 15.72
CA ALA A 221 14.23 7.01 16.29
C ALA A 221 12.96 6.35 15.70
N ASP A 222 13.07 5.98 14.43
CA ASP A 222 11.92 5.48 13.67
C ASP A 222 12.04 3.98 13.36
N TYR A 223 13.22 3.38 13.50
CA TYR A 223 13.42 1.98 13.12
C TYR A 223 14.20 1.17 14.18
N PHE A 224 14.30 1.68 15.42
CA PHE A 224 14.94 0.90 16.50
C PHE A 224 14.03 1.03 17.74
N ALA A 225 13.25 -0.02 18.02
CA ALA A 225 12.35 -0.04 19.17
C ALA A 225 13.16 -0.14 20.50
N PRO A 226 12.91 0.79 21.46
CA PRO A 226 13.58 0.73 22.79
C PRO A 226 13.55 -0.65 23.47
N GLY A 227 14.74 -1.10 23.90
CA GLY A 227 14.81 -2.33 24.64
C GLY A 227 14.87 -3.62 23.87
N VAL A 228 14.93 -3.56 22.53
CA VAL A 228 14.90 -4.76 21.68
C VAL A 228 16.26 -4.83 21.00
N LYS A 229 16.77 -6.01 20.82
CA LYS A 229 18.09 -6.14 20.19
C LYS A 229 17.98 -6.12 18.66
N SER A 230 19.07 -5.71 18.01
CA SER A 230 19.25 -5.79 16.55
C SER A 230 19.25 -7.19 16.07
N TYR A 231 18.79 -7.38 14.81
CA TYR A 231 18.88 -8.68 14.19
C TYR A 231 20.36 -9.15 14.22
N PRO A 232 20.64 -10.44 14.48
CA PRO A 232 19.80 -11.64 14.62
C PRO A 232 19.29 -11.90 16.01
N ASP A 233 19.60 -11.01 16.93
CA ASP A 233 19.25 -11.28 18.37
C ASP A 233 17.90 -10.73 18.74
N GLY A 234 17.31 -9.90 17.86
CA GLY A 234 15.96 -9.38 18.09
C GLY A 234 15.48 -8.81 16.77
N TRP A 235 14.40 -8.04 16.80
CA TRP A 235 13.78 -7.61 15.50
C TRP A 235 14.10 -6.22 15.07
N ASN A 236 15.12 -5.61 15.68
CA ASN A 236 15.52 -4.27 15.38
C ASN A 236 16.45 -4.20 14.19
N LEU A 237 16.56 -3.01 13.60
CA LEU A 237 17.42 -2.76 12.47
C LEU A 237 18.81 -2.44 12.97
N PRO A 238 19.83 -3.19 12.49
CA PRO A 238 21.24 -2.89 12.78
C PRO A 238 21.71 -1.68 12.04
N GLY A 239 22.86 -1.13 12.48
CA GLY A 239 23.28 0.14 11.87
C GLY A 239 23.74 -0.01 10.43
N GLY A 240 24.00 -1.24 9.99
CA GLY A 240 24.43 -1.48 8.59
C GLY A 240 23.19 -1.87 7.72
N GLY A 241 22.03 -1.98 8.36
CA GLY A 241 20.73 -2.34 7.67
C GLY A 241 20.29 -1.19 6.78
N VAL A 242 19.68 -1.52 5.62
CA VAL A 242 19.21 -0.45 4.71
C VAL A 242 17.87 -0.92 4.09
N GLN A 243 16.96 0.05 3.99
CA GLN A 243 15.63 -0.19 3.42
C GLN A 243 15.70 0.09 1.93
N ARG A 244 15.48 -0.94 1.11
CA ARG A 244 15.28 -0.77 -0.36
C ARG A 244 13.89 -0.20 -0.63
N GLY A 245 13.66 0.23 -1.87
CA GLY A 245 12.29 0.62 -2.25
C GLY A 245 12.29 1.52 -3.45
N ASN A 246 11.22 1.42 -4.29
CA ASN A 246 11.16 2.31 -5.42
C ASN A 246 10.73 3.71 -5.02
N ILE A 247 11.08 4.69 -5.86
CA ILE A 247 10.84 6.10 -5.62
C ILE A 247 10.04 6.76 -6.73
N LEU A 248 9.16 5.95 -7.39
CA LEU A 248 8.30 6.50 -8.41
C LEU A 248 7.15 7.32 -7.86
N ASN A 249 6.60 8.16 -8.75
CA ASN A 249 5.29 8.77 -8.50
C ASN A 249 4.34 8.43 -9.65
N LEU A 250 3.88 7.18 -9.62
CA LEU A 250 3.06 6.71 -10.71
C LEU A 250 1.61 7.17 -10.66
N ASN A 251 1.08 7.52 -9.48
CA ASN A 251 -0.37 7.90 -9.38
C ASN A 251 -1.31 6.91 -10.03
N GLY A 252 -0.97 5.64 -9.89
CA GLY A 252 -1.84 4.57 -10.39
C GLY A 252 -1.58 4.06 -11.81
N ALA A 253 -0.58 4.60 -12.49
CA ALA A 253 -0.38 4.28 -13.92
C ALA A 253 0.07 2.85 -14.26
N GLY A 254 0.74 2.17 -13.34
CA GLY A 254 1.38 0.87 -13.61
C GLY A 254 2.72 1.05 -14.33
N ASP A 255 3.03 0.16 -15.30
CA ASP A 255 4.31 0.26 -16.02
C ASP A 255 4.50 1.69 -16.53
N PRO A 256 5.65 2.34 -16.20
CA PRO A 256 5.86 3.72 -16.64
C PRO A 256 5.75 3.96 -18.14
N LEU A 257 5.97 2.91 -18.94
CA LEU A 257 5.99 3.11 -20.37
C LEU A 257 4.67 2.87 -21.10
N THR A 258 3.68 2.29 -20.42
CA THR A 258 2.42 1.93 -21.11
C THR A 258 1.13 2.31 -20.36
N PRO A 259 1.05 3.56 -19.88
CA PRO A 259 -0.14 3.90 -19.07
C PRO A 259 -1.45 3.75 -19.85
N GLY A 260 -2.40 3.00 -19.25
CA GLY A 260 -3.71 2.77 -19.90
C GLY A 260 -3.90 1.41 -20.52
N TYR A 261 -2.80 0.73 -20.87
CA TYR A 261 -2.85 -0.45 -21.70
C TYR A 261 -1.85 -1.48 -21.22
N PRO A 262 -2.14 -2.77 -21.42
CA PRO A 262 -1.20 -3.75 -20.87
C PRO A 262 0.11 -3.77 -21.68
N ALA A 263 1.21 -4.03 -20.98
CA ALA A 263 2.53 -4.08 -21.60
C ALA A 263 2.75 -5.48 -22.26
N ASN A 264 1.93 -5.74 -23.26
CA ASN A 264 1.98 -7.05 -23.92
C ASN A 264 3.03 -7.05 -25.03
N GLU A 265 2.97 -8.09 -25.89
CA GLU A 265 4.05 -8.25 -26.87
C GLU A 265 4.07 -7.16 -27.93
N TYR A 266 2.92 -6.54 -28.24
CA TYR A 266 2.91 -5.56 -29.37
C TYR A 266 2.78 -4.13 -28.88
N ALA A 267 2.91 -3.95 -27.56
CA ALA A 267 2.62 -2.66 -26.95
C ALA A 267 3.55 -1.59 -27.51
N TYR A 268 3.02 -0.39 -27.68
CA TYR A 268 3.83 0.73 -28.07
C TYR A 268 4.28 1.43 -26.80
N ARG A 269 5.57 1.66 -26.65
CA ARG A 269 6.07 2.22 -25.39
C ARG A 269 6.45 3.64 -25.56
N ARG A 270 6.15 4.43 -24.54
CA ARG A 270 6.71 5.79 -24.46
C ARG A 270 8.25 5.70 -24.38
N GLY A 271 8.92 6.74 -24.90
CA GLY A 271 10.33 6.89 -24.65
C GLY A 271 10.54 7.28 -23.19
N ILE A 272 11.73 7.01 -22.66
CA ILE A 272 12.07 7.36 -21.27
C ILE A 272 11.69 8.76 -20.87
N ALA A 273 11.94 9.75 -21.74
CA ALA A 273 11.67 11.13 -21.36
C ALA A 273 10.20 11.44 -21.13
N GLU A 274 9.30 10.64 -21.71
CA GLU A 274 7.84 10.80 -21.54
C GLU A 274 7.26 9.70 -20.59
N ALA A 275 8.12 8.85 -20.03
CA ALA A 275 7.64 7.82 -19.07
C ALA A 275 6.93 8.47 -17.85
N VAL A 276 5.97 7.74 -17.28
CA VAL A 276 5.28 8.25 -16.10
C VAL A 276 6.08 8.02 -14.82
N GLY A 277 6.26 9.10 -14.05
CA GLY A 277 6.62 8.90 -12.65
C GLY A 277 8.09 8.78 -12.27
N LEU A 278 8.98 8.92 -13.24
CA LEU A 278 10.40 8.72 -12.93
C LEU A 278 10.99 9.96 -12.28
N PRO A 279 11.86 9.75 -11.31
CA PRO A 279 12.51 10.88 -10.63
C PRO A 279 13.57 11.48 -11.54
N SER A 280 13.83 12.77 -11.35
CA SER A 280 14.80 13.43 -12.24
C SER A 280 16.15 13.70 -11.54
N ILE A 281 16.27 13.32 -10.30
CA ILE A 281 17.55 13.52 -9.54
C ILE A 281 17.96 12.20 -8.89
N PRO A 282 19.28 11.94 -8.74
CA PRO A 282 19.75 10.64 -8.19
C PRO A 282 19.35 10.47 -6.73
N VAL A 283 19.07 9.22 -6.32
CA VAL A 283 18.58 8.94 -4.96
C VAL A 283 19.22 7.65 -4.48
N HIS A 284 19.59 7.60 -3.21
CA HIS A 284 20.18 6.40 -2.64
C HIS A 284 19.92 6.24 -1.16
N PRO A 285 19.64 4.99 -0.70
CA PRO A 285 19.34 4.80 0.72
C PRO A 285 20.59 4.22 1.46
N ILE A 286 20.72 4.62 2.74
CA ILE A 286 21.79 4.19 3.64
C ILE A 286 21.28 3.84 5.04
N GLY A 287 22.11 3.12 5.81
CA GLY A 287 21.78 2.81 7.20
C GLY A 287 22.32 3.90 8.14
N TYR A 288 22.04 3.72 9.41
CA TYR A 288 22.31 4.79 10.35
C TYR A 288 23.79 4.88 10.76
N TYR A 289 24.57 3.81 10.65
CA TYR A 289 26.09 4.00 10.77
C TYR A 289 26.62 4.97 9.74
N ASP A 290 26.24 4.77 8.48
CA ASP A 290 26.67 5.70 7.44
C ASP A 290 26.05 7.07 7.55
N ALA A 291 24.76 7.11 7.95
CA ALA A 291 24.09 8.41 8.09
C ALA A 291 24.79 9.25 9.17
N GLN A 292 25.17 8.60 10.25
CA GLN A 292 25.87 9.33 11.32
C GLN A 292 27.13 10.04 10.78
N LYS A 293 27.87 9.36 9.93
CA LYS A 293 29.04 9.97 9.33
C LYS A 293 28.71 11.17 8.46
N LEU A 294 27.55 11.18 7.79
CA LEU A 294 27.21 12.28 6.91
C LEU A 294 26.62 13.45 7.69
N LEU A 295 25.97 13.15 8.80
CA LEU A 295 25.26 14.17 9.52
C LEU A 295 26.17 14.81 10.57
N GLU A 296 27.16 14.07 11.07
CA GLU A 296 27.85 14.55 12.31
C GLU A 296 28.57 15.91 12.09
N LYS A 297 28.95 16.21 10.86
CA LYS A 297 29.60 17.46 10.53
C LYS A 297 28.69 18.61 10.09
N MET A 298 27.36 18.39 10.10
CA MET A 298 26.41 19.41 9.60
C MET A 298 26.50 20.75 10.37
N GLY A 299 26.53 21.84 9.61
CA GLY A 299 26.51 23.20 10.12
C GLY A 299 25.24 23.97 9.79
N GLY A 300 25.40 25.26 9.51
CA GLY A 300 24.27 26.19 9.30
C GLY A 300 23.31 26.18 10.46
N SER A 301 22.01 26.33 10.18
CA SER A 301 20.99 26.49 11.21
C SER A 301 20.78 25.32 12.08
N ALA A 302 20.36 25.56 13.31
CA ALA A 302 19.98 24.46 14.22
C ALA A 302 18.65 23.86 13.74
N PRO A 303 18.32 22.61 14.15
CA PRO A 303 16.97 22.07 13.90
C PRO A 303 15.98 23.07 14.49
N PRO A 304 14.81 23.25 13.85
CA PRO A 304 13.92 24.30 14.33
C PRO A 304 13.21 23.90 15.60
N ASP A 305 13.16 22.61 15.89
CA ASP A 305 12.54 22.11 17.12
C ASP A 305 12.81 20.61 17.30
N SER A 306 12.37 20.03 18.41
CA SER A 306 12.70 18.64 18.72
C SER A 306 12.07 17.57 17.78
N SER A 307 10.98 17.91 17.09
CA SER A 307 10.31 16.97 16.13
C SER A 307 11.24 16.65 14.93
N TRP A 308 12.31 17.45 14.80
CA TRP A 308 13.31 17.34 13.74
C TRP A 308 14.56 16.53 14.16
N ARG A 309 14.64 16.15 15.44
CA ARG A 309 15.80 15.42 15.95
C ARG A 309 15.48 13.93 16.05
N GLY A 310 16.30 13.08 15.43
CA GLY A 310 16.22 11.66 15.69
C GLY A 310 17.08 11.28 16.88
N SER A 311 17.59 10.05 16.90
CA SER A 311 18.25 9.47 18.07
C SER A 311 19.73 9.32 17.95
N LEU A 312 20.32 9.72 16.85
CA LEU A 312 21.76 9.57 16.72
C LEU A 312 22.42 10.72 17.51
N LYS A 313 23.67 10.52 17.78
CA LYS A 313 24.44 11.50 18.56
C LYS A 313 25.01 12.56 17.63
N VAL A 314 24.12 13.37 17.05
CA VAL A 314 24.51 14.44 16.17
C VAL A 314 23.55 15.58 16.45
N PRO A 315 23.89 16.80 16.02
CA PRO A 315 23.00 17.91 16.36
C PRO A 315 21.71 17.99 15.51
N TYR A 316 21.66 17.33 14.35
CA TYR A 316 20.52 17.46 13.42
C TYR A 316 20.44 18.90 12.87
N ASN A 317 21.59 19.53 12.66
CA ASN A 317 21.57 20.83 12.03
C ASN A 317 21.02 20.69 10.63
N VAL A 318 20.34 21.72 10.18
CA VAL A 318 19.75 21.73 8.84
C VAL A 318 20.75 22.04 7.73
N GLY A 319 21.84 22.75 8.04
CA GLY A 319 22.77 23.18 6.97
C GLY A 319 22.35 24.53 6.44
N PRO A 320 22.70 24.82 5.19
CA PRO A 320 23.41 23.95 4.26
C PRO A 320 24.87 23.74 4.66
N GLY A 321 25.46 22.66 4.15
CA GLY A 321 26.90 22.39 4.34
C GLY A 321 27.36 22.03 5.75
N PHE A 322 28.68 21.85 5.88
CA PHE A 322 29.32 21.38 7.11
C PHE A 322 29.86 22.56 7.96
N THR A 323 30.14 22.29 9.25
CA THR A 323 30.74 23.31 10.14
C THR A 323 32.12 23.84 9.66
N GLY A 324 32.51 24.98 10.22
CA GLY A 324 33.66 25.75 9.75
C GLY A 324 34.89 25.00 9.30
N ASN A 325 35.39 24.10 10.13
CA ASN A 325 36.62 23.35 9.80
C ASN A 325 36.49 22.46 8.58
N PHE A 326 35.25 22.09 8.27
CA PHE A 326 34.98 21.12 7.21
C PHE A 326 34.18 21.75 6.07
N SER A 327 33.96 23.05 6.16
CA SER A 327 33.10 23.76 5.23
C SER A 327 33.44 23.57 3.75
N THR A 328 34.68 23.19 3.47
CA THR A 328 35.10 22.95 2.08
C THR A 328 35.00 21.48 1.64
N GLN A 329 34.63 20.59 2.56
CA GLN A 329 34.32 19.22 2.17
C GLN A 329 32.92 19.25 1.54
N LYS A 330 32.68 18.41 0.54
CA LYS A 330 31.34 18.27 -0.06
C LYS A 330 30.88 16.79 -0.01
N VAL A 331 29.60 16.57 -0.35
CA VAL A 331 29.06 15.20 -0.48
C VAL A 331 28.87 14.88 -1.96
N LYS A 332 29.27 13.67 -2.31
CA LYS A 332 29.20 13.24 -3.68
C LYS A 332 28.48 11.87 -3.80
N MET A 333 27.46 11.80 -4.66
CA MET A 333 26.77 10.51 -4.93
C MET A 333 27.36 9.86 -6.19
N HIS A 334 27.30 8.53 -6.26
CA HIS A 334 27.67 7.85 -7.50
C HIS A 334 26.57 6.82 -7.77
N ILE A 335 25.72 7.13 -8.74
CA ILE A 335 24.60 6.23 -9.04
C ILE A 335 24.66 5.81 -10.51
N HIS A 336 24.65 4.51 -10.71
CA HIS A 336 24.86 3.92 -12.02
C HIS A 336 23.81 2.86 -12.40
N SER A 337 22.71 2.84 -11.63
CA SER A 337 21.63 1.84 -11.84
C SER A 337 21.07 2.09 -13.24
N THR A 338 20.45 1.05 -13.82
CA THR A 338 19.85 1.23 -15.12
C THR A 338 18.38 0.77 -15.13
N ASN A 339 17.60 1.46 -15.93
CA ASN A 339 16.19 1.08 -16.08
C ASN A 339 16.18 0.17 -17.31
N GLU A 340 15.43 -0.93 -17.25
CA GLU A 340 15.40 -1.85 -18.39
C GLU A 340 14.08 -2.58 -18.44
N VAL A 341 13.58 -2.70 -19.66
CA VAL A 341 12.33 -3.44 -19.85
C VAL A 341 12.61 -4.91 -19.61
N THR A 342 11.80 -5.57 -18.79
CA THR A 342 12.06 -6.88 -18.26
C THR A 342 10.73 -7.65 -18.13
N ARG A 343 10.77 -8.95 -18.40
CA ARG A 343 9.51 -9.74 -18.34
C ARG A 343 9.18 -10.09 -16.87
N ILE A 344 7.90 -10.00 -16.56
CA ILE A 344 7.38 -10.36 -15.21
C ILE A 344 6.25 -11.34 -15.41
N TYR A 345 5.89 -12.08 -14.36
CA TYR A 345 4.90 -13.15 -14.46
C TYR A 345 3.96 -13.15 -13.31
N ASN A 346 2.66 -13.06 -13.61
CA ASN A 346 1.64 -13.26 -12.59
C ASN A 346 1.11 -14.67 -12.68
N VAL A 347 0.79 -15.26 -11.55
CA VAL A 347 0.11 -16.59 -11.63
C VAL A 347 -1.36 -16.29 -11.36
N ILE A 348 -2.26 -16.78 -12.23
CA ILE A 348 -3.71 -16.54 -12.09
C ILE A 348 -4.42 -17.90 -12.07
N GLY A 349 -4.98 -18.22 -10.93
CA GLY A 349 -5.76 -19.47 -10.72
C GLY A 349 -7.23 -19.19 -10.67
N THR A 350 -8.03 -20.12 -11.20
CA THR A 350 -9.48 -19.93 -11.28
C THR A 350 -10.17 -21.12 -10.64
N LEU A 351 -11.13 -20.83 -9.78
CA LEU A 351 -12.04 -21.86 -9.23
C LEU A 351 -13.43 -21.43 -9.69
N ARG A 352 -13.88 -22.03 -10.78
CA ARG A 352 -15.17 -21.63 -11.39
C ARG A 352 -16.40 -21.76 -10.47
N GLY A 353 -17.25 -20.72 -10.44
CA GLY A 353 -18.46 -20.68 -9.63
C GLY A 353 -19.51 -21.67 -10.21
N ALA A 354 -20.29 -22.25 -9.30
CA ALA A 354 -21.33 -23.25 -9.71
C ALA A 354 -22.57 -22.55 -10.23
N VAL A 355 -22.90 -21.38 -9.68
CA VAL A 355 -24.20 -20.69 -9.94
C VAL A 355 -23.94 -19.38 -10.74
N GLU A 356 -22.99 -18.59 -10.22
CA GLU A 356 -22.63 -17.34 -10.97
C GLU A 356 -21.15 -17.30 -11.36
N PRO A 357 -20.72 -18.07 -12.37
CA PRO A 357 -19.34 -18.15 -12.82
C PRO A 357 -18.86 -16.84 -13.41
N ASP A 358 -19.81 -15.98 -13.77
CA ASP A 358 -19.41 -14.68 -14.35
C ASP A 358 -19.42 -13.62 -13.25
N ARG A 359 -19.21 -14.02 -11.98
CA ARG A 359 -19.00 -13.04 -10.92
C ARG A 359 -17.72 -13.43 -10.22
N TYR A 360 -16.79 -12.47 -10.10
CA TYR A 360 -15.42 -12.79 -9.67
C TYR A 360 -15.13 -12.20 -8.32
N VAL A 361 -14.65 -13.07 -7.43
CA VAL A 361 -14.19 -12.63 -6.10
C VAL A 361 -12.65 -12.95 -6.14
N ILE A 362 -11.79 -11.95 -5.93
CA ILE A 362 -10.38 -12.08 -6.22
C ILE A 362 -9.62 -11.98 -4.88
N LEU A 363 -8.75 -12.96 -4.69
CA LEU A 363 -7.73 -12.95 -3.61
C LEU A 363 -6.37 -12.82 -4.24
N GLY A 364 -5.71 -11.70 -4.00
CA GLY A 364 -4.48 -11.41 -4.74
C GLY A 364 -3.38 -10.87 -3.77
N GLY A 365 -2.15 -11.31 -4.00
CA GLY A 365 -1.02 -10.67 -3.30
C GLY A 365 0.22 -10.95 -4.11
N HIS A 366 1.30 -10.19 -3.85
CA HIS A 366 2.47 -10.35 -4.70
C HIS A 366 3.46 -11.41 -4.15
N ARG A 367 4.38 -11.75 -5.05
CA ARG A 367 5.34 -12.86 -4.87
C ARG A 367 6.77 -12.32 -4.92
N ASP A 368 7.02 -11.29 -5.75
CA ASP A 368 8.38 -10.68 -5.84
C ASP A 368 8.75 -10.04 -4.49
N SER A 369 10.04 -10.09 -4.14
CA SER A 369 10.52 -9.58 -2.86
C SER A 369 11.80 -8.79 -3.18
N TRP A 370 12.20 -7.92 -2.26
CA TRP A 370 13.48 -7.20 -2.44
C TRP A 370 14.67 -8.13 -2.21
N VAL A 371 14.61 -8.91 -1.17
CA VAL A 371 15.59 -10.00 -0.94
C VAL A 371 14.82 -11.29 -0.60
N PHE A 372 14.87 -11.73 0.65
CA PHE A 372 14.24 -13.00 1.02
C PHE A 372 12.75 -12.88 1.26
N GLY A 373 12.27 -11.68 1.55
CA GLY A 373 10.80 -11.48 1.74
C GLY A 373 10.12 -12.27 2.85
N GLY A 374 10.87 -12.44 3.96
CA GLY A 374 10.40 -13.25 5.10
C GLY A 374 9.07 -12.73 5.61
N ILE A 375 8.92 -11.39 5.69
CA ILE A 375 7.59 -10.84 6.01
C ILE A 375 6.96 -10.42 4.66
N ASP A 376 7.65 -9.54 3.93
CA ASP A 376 7.05 -8.85 2.73
C ASP A 376 7.66 -9.46 1.43
N PRO A 377 6.91 -10.29 0.69
CA PRO A 377 5.47 -10.60 0.86
C PRO A 377 5.20 -12.01 1.33
N GLN A 378 6.25 -12.79 1.68
CA GLN A 378 5.97 -14.23 1.69
C GLN A 378 5.12 -14.70 2.85
N SER A 379 5.03 -13.89 3.89
CA SER A 379 4.12 -14.22 5.01
C SER A 379 2.70 -14.15 4.50
N GLY A 380 2.47 -13.26 3.54
CA GLY A 380 1.14 -13.23 2.89
C GLY A 380 0.97 -14.30 1.83
N ALA A 381 1.96 -14.51 0.99
CA ALA A 381 1.88 -15.54 -0.05
C ALA A 381 1.69 -16.94 0.54
N ALA A 382 2.27 -17.20 1.73
CA ALA A 382 2.12 -18.56 2.34
C ALA A 382 0.69 -18.75 2.77
N VAL A 383 0.10 -17.65 3.28
CA VAL A 383 -1.30 -17.63 3.72
C VAL A 383 -2.21 -17.88 2.48
N VAL A 384 -1.95 -17.17 1.36
CA VAL A 384 -2.75 -17.43 0.15
C VAL A 384 -2.65 -18.91 -0.33
N HIS A 385 -1.41 -19.47 -0.31
CA HIS A 385 -1.12 -20.84 -0.68
C HIS A 385 -1.97 -21.81 0.13
N GLU A 386 -2.08 -21.58 1.42
CA GLU A 386 -2.86 -22.47 2.29
C GLU A 386 -4.36 -22.28 2.07
N ILE A 387 -4.79 -21.04 1.81
CA ILE A 387 -6.20 -20.82 1.39
C ILE A 387 -6.57 -21.56 0.13
N VAL A 388 -5.73 -21.49 -0.90
CA VAL A 388 -5.94 -22.23 -2.15
C VAL A 388 -6.06 -23.73 -1.84
N ARG A 389 -5.10 -24.22 -1.03
CA ARG A 389 -5.11 -25.64 -0.64
C ARG A 389 -6.42 -26.04 0.01
N SER A 390 -6.93 -25.26 0.96
CA SER A 390 -8.19 -25.54 1.66
C SER A 390 -9.38 -25.51 0.67
N PHE A 391 -9.49 -24.45 -0.15
CA PHE A 391 -10.60 -24.42 -1.14
C PHE A 391 -10.53 -25.64 -2.05
N GLY A 392 -9.32 -26.01 -2.52
CA GLY A 392 -9.10 -27.16 -3.41
C GLY A 392 -9.50 -28.48 -2.73
N THR A 393 -9.29 -28.59 -1.41
CA THR A 393 -9.71 -29.79 -0.63
C THR A 393 -11.22 -29.93 -0.79
N LEU A 394 -11.96 -28.87 -0.51
CA LEU A 394 -13.44 -28.88 -0.63
C LEU A 394 -13.86 -29.16 -2.05
N LYS A 395 -13.20 -28.53 -3.02
CA LYS A 395 -13.49 -28.81 -4.41
C LYS A 395 -13.34 -30.31 -4.79
N LYS A 396 -12.21 -30.93 -4.39
CA LYS A 396 -11.97 -32.37 -4.66
C LYS A 396 -13.07 -33.30 -4.13
N GLU A 397 -13.76 -32.87 -3.07
CA GLU A 397 -14.96 -33.55 -2.52
C GLU A 397 -16.28 -33.14 -3.18
N GLY A 398 -16.19 -32.39 -4.28
CA GLY A 398 -17.37 -32.02 -5.06
C GLY A 398 -18.04 -30.69 -4.78
N TRP A 399 -17.45 -29.84 -3.93
CA TRP A 399 -18.05 -28.55 -3.65
C TRP A 399 -17.51 -27.55 -4.69
N ARG A 400 -18.30 -26.51 -4.91
CA ARG A 400 -17.88 -25.31 -5.71
C ARG A 400 -18.50 -24.14 -5.06
N PRO A 401 -17.77 -23.00 -5.04
CA PRO A 401 -18.37 -21.82 -4.51
C PRO A 401 -19.50 -21.35 -5.49
N ARG A 402 -20.38 -20.51 -5.00
CA ARG A 402 -21.51 -19.98 -5.81
C ARG A 402 -20.92 -19.15 -6.98
N ARG A 403 -20.03 -18.23 -6.62
CA ARG A 403 -19.32 -17.35 -7.62
C ARG A 403 -17.89 -17.84 -7.89
N THR A 404 -17.31 -17.38 -9.00
CA THR A 404 -15.96 -17.73 -9.35
C THR A 404 -14.97 -17.04 -8.38
N ILE A 405 -13.93 -17.81 -8.00
CA ILE A 405 -12.86 -17.21 -7.18
C ILE A 405 -11.61 -17.24 -8.02
N LEU A 406 -10.95 -16.05 -8.13
CA LEU A 406 -9.69 -15.89 -8.84
C LEU A 406 -8.63 -15.68 -7.71
N PHE A 407 -7.54 -16.41 -7.91
CA PHE A 407 -6.36 -16.27 -7.04
C PHE A 407 -5.19 -15.76 -7.85
N ALA A 408 -4.48 -14.77 -7.27
CA ALA A 408 -3.37 -14.21 -8.02
C ALA A 408 -2.10 -14.10 -7.16
N SER A 409 -1.00 -14.46 -7.81
CA SER A 409 0.36 -14.25 -7.26
C SER A 409 0.98 -13.19 -8.18
N TRP A 410 0.98 -11.94 -7.71
CA TRP A 410 1.40 -10.84 -8.61
C TRP A 410 2.91 -10.66 -8.61
N ASP A 411 3.42 -10.19 -9.76
CA ASP A 411 4.86 -9.89 -9.85
C ASP A 411 5.07 -8.41 -9.82
N ALA A 412 6.33 -8.02 -9.52
CA ALA A 412 6.80 -6.62 -9.60
C ALA A 412 5.96 -5.63 -8.78
N GLU A 413 5.37 -6.08 -7.65
CA GLU A 413 4.67 -5.14 -6.81
C GLU A 413 5.70 -4.13 -6.28
N GLU A 414 6.90 -4.63 -5.99
CA GLU A 414 7.89 -3.72 -5.33
C GLU A 414 8.38 -2.61 -6.26
N PHE A 415 8.17 -2.78 -7.56
CA PHE A 415 8.56 -1.80 -8.55
C PHE A 415 7.43 -0.89 -9.00
N GLY A 416 6.35 -0.84 -8.20
CA GLY A 416 5.24 0.05 -8.50
C GLY A 416 3.90 -0.63 -8.81
N LEU A 417 3.63 -1.77 -8.21
CA LEU A 417 2.30 -2.39 -8.39
C LEU A 417 2.14 -2.80 -9.87
N LEU A 418 3.26 -3.19 -10.48
CA LEU A 418 3.25 -3.33 -11.96
C LEU A 418 2.46 -4.54 -12.44
N GLY A 419 2.61 -5.67 -11.78
CA GLY A 419 1.95 -6.94 -12.16
C GLY A 419 0.45 -6.86 -12.04
N SER A 420 -0.01 -6.39 -10.88
CA SER A 420 -1.45 -6.29 -10.65
C SER A 420 -2.03 -5.30 -11.69
N THR A 421 -1.34 -4.16 -11.88
CA THR A 421 -1.93 -3.09 -12.67
C THR A 421 -1.92 -3.46 -14.16
N GLU A 422 -0.88 -4.11 -14.68
CA GLU A 422 -0.87 -4.49 -16.10
C GLU A 422 -1.98 -5.52 -16.35
N TRP A 423 -2.13 -6.49 -15.42
CA TRP A 423 -3.21 -7.51 -15.60
C TRP A 423 -4.58 -6.85 -15.58
N ALA A 424 -4.81 -5.94 -14.64
CA ALA A 424 -6.10 -5.27 -14.54
C ALA A 424 -6.29 -4.42 -15.81
N GLU A 425 -5.22 -3.78 -16.35
CA GLU A 425 -5.40 -3.04 -17.61
C GLU A 425 -5.86 -3.98 -18.74
N GLU A 426 -5.25 -5.16 -18.76
CA GLU A 426 -5.56 -6.11 -19.81
C GLU A 426 -7.02 -6.54 -19.65
N ASN A 427 -7.43 -6.76 -18.41
CA ASN A 427 -8.76 -7.40 -18.18
C ASN A 427 -9.78 -6.43 -17.66
N SER A 428 -9.59 -5.12 -17.93
CA SER A 428 -10.44 -4.13 -17.24
C SER A 428 -11.94 -4.28 -17.56
N ARG A 429 -12.28 -4.67 -18.80
CA ARG A 429 -13.72 -4.81 -19.13
C ARG A 429 -14.36 -5.98 -18.34
N LEU A 430 -13.61 -7.06 -18.21
CA LEU A 430 -14.18 -8.18 -17.42
C LEU A 430 -14.33 -7.76 -15.98
N LEU A 431 -13.31 -7.07 -15.42
CA LEU A 431 -13.38 -6.73 -14.04
C LEU A 431 -14.46 -5.70 -13.73
N GLN A 432 -14.63 -4.69 -14.62
CA GLN A 432 -15.61 -3.62 -14.48
C GLN A 432 -17.01 -4.25 -14.40
N GLU A 433 -17.26 -5.25 -15.24
CA GLU A 433 -18.66 -5.70 -15.34
C GLU A 433 -18.88 -6.93 -14.45
N ARG A 434 -17.83 -7.55 -13.93
CA ARG A 434 -18.01 -8.85 -13.25
C ARG A 434 -17.36 -8.87 -11.87
N GLY A 435 -16.61 -7.84 -11.51
CA GLY A 435 -15.81 -7.92 -10.24
C GLY A 435 -16.60 -7.58 -9.03
N VAL A 436 -16.77 -8.60 -8.17
CA VAL A 436 -17.48 -8.37 -6.96
C VAL A 436 -16.61 -7.69 -5.88
N ALA A 437 -15.42 -8.27 -5.68
CA ALA A 437 -14.56 -7.82 -4.59
C ALA A 437 -13.14 -8.28 -4.80
N TYR A 438 -12.25 -7.48 -4.19
CA TYR A 438 -10.80 -7.80 -4.23
C TYR A 438 -10.34 -7.76 -2.77
N ILE A 439 -9.77 -8.89 -2.33
CA ILE A 439 -9.08 -8.99 -1.07
C ILE A 439 -7.56 -9.11 -1.31
N ASN A 440 -6.82 -8.14 -0.75
CA ASN A 440 -5.36 -8.15 -0.93
C ASN A 440 -4.70 -9.16 0.04
N ALA A 441 -3.47 -9.56 -0.26
CA ALA A 441 -2.80 -10.54 0.64
C ALA A 441 -1.28 -10.36 0.60
N ASP A 442 -0.83 -9.15 0.90
CA ASP A 442 0.61 -8.95 1.17
C ASP A 442 0.88 -9.39 2.62
N SER A 443 1.93 -8.84 3.24
CA SER A 443 2.39 -9.35 4.56
C SER A 443 1.25 -9.68 5.51
N SER A 444 1.28 -10.90 6.07
CA SER A 444 0.24 -11.32 7.06
C SER A 444 0.48 -10.72 8.43
N ILE A 445 1.73 -10.31 8.70
CA ILE A 445 2.05 -9.74 9.97
C ILE A 445 2.96 -8.55 9.82
N GLU A 446 2.80 -7.54 10.68
CA GLU A 446 3.77 -6.44 10.85
C GLU A 446 3.97 -6.14 12.37
N GLY A 447 3.47 -7.06 13.18
CA GLY A 447 3.47 -6.97 14.63
C GLY A 447 2.72 -8.17 15.16
N ASN A 448 2.55 -8.26 16.47
CA ASN A 448 1.87 -9.42 17.07
C ASN A 448 0.85 -8.99 18.12
N TYR A 449 0.35 -7.77 18.00
CA TYR A 449 -0.53 -7.18 19.01
C TYR A 449 -2.03 -7.41 18.74
N THR A 450 -2.51 -7.03 17.55
CA THR A 450 -3.94 -7.17 17.29
C THR A 450 -4.21 -7.17 15.76
N LEU A 451 -5.44 -7.44 15.41
CA LEU A 451 -5.86 -7.31 14.00
C LEU A 451 -5.85 -5.90 13.46
N ARG A 452 -5.48 -5.78 12.17
CA ARG A 452 -5.62 -4.55 11.40
C ARG A 452 -6.46 -4.87 10.17
N VAL A 453 -7.51 -4.07 9.94
CA VAL A 453 -8.29 -4.20 8.69
C VAL A 453 -8.43 -2.79 8.08
N ASP A 454 -8.15 -2.65 6.76
CA ASP A 454 -8.47 -1.44 5.98
C ASP A 454 -9.38 -1.94 4.85
N CYS A 455 -10.53 -1.31 4.66
CA CYS A 455 -11.43 -1.75 3.62
C CYS A 455 -12.49 -0.70 3.31
N THR A 456 -13.21 -0.94 2.24
CA THR A 456 -14.37 -0.15 1.93
C THR A 456 -15.46 -0.30 3.03
N PRO A 457 -16.19 0.78 3.32
CA PRO A 457 -17.36 0.67 4.23
C PRO A 457 -18.26 -0.50 3.83
N LEU A 458 -18.32 -0.87 2.53
CA LEU A 458 -19.23 -1.95 2.11
C LEU A 458 -18.91 -3.27 2.81
N MET A 459 -17.68 -3.41 3.32
CA MET A 459 -17.25 -4.66 3.98
C MET A 459 -17.22 -4.61 5.52
N TYR A 460 -17.57 -3.48 6.12
CA TYR A 460 -17.51 -3.34 7.58
C TYR A 460 -18.33 -4.42 8.27
N SER A 461 -19.59 -4.59 7.84
CA SER A 461 -20.50 -5.57 8.48
CA SER A 461 -20.46 -5.55 8.51
C SER A 461 -19.99 -6.99 8.31
N LEU A 462 -19.54 -7.33 7.13
CA LEU A 462 -19.00 -8.63 6.86
C LEU A 462 -17.82 -8.91 7.86
N VAL A 463 -16.93 -7.93 7.98
CA VAL A 463 -15.73 -8.07 8.84
C VAL A 463 -16.15 -8.22 10.32
N HIS A 464 -17.06 -7.38 10.79
CA HIS A 464 -17.57 -7.51 12.18
C HIS A 464 -18.14 -8.92 12.39
N ASN A 465 -19.00 -9.35 11.47
CA ASN A 465 -19.65 -10.67 11.66
C ASN A 465 -18.68 -11.82 11.61
N LEU A 466 -17.68 -11.73 10.71
CA LEU A 466 -16.82 -12.88 10.57
C LEU A 466 -15.92 -13.00 11.79
N THR A 467 -15.43 -11.86 12.26
CA THR A 467 -14.47 -11.86 13.38
C THR A 467 -15.17 -12.30 14.68
N LYS A 468 -16.49 -12.11 14.74
CA LYS A 468 -17.24 -12.60 15.95
C LYS A 468 -17.33 -14.12 15.99
N GLU A 469 -17.04 -14.80 14.89
CA GLU A 469 -17.12 -16.25 14.74
C GLU A 469 -15.73 -16.92 14.78
N LEU A 470 -14.69 -16.08 14.82
CA LEU A 470 -13.31 -16.59 14.87
C LEU A 470 -12.75 -16.50 16.29
N LYS A 471 -11.85 -17.41 16.61
CA LYS A 471 -11.19 -17.44 17.95
C LYS A 471 -10.05 -16.43 18.02
N SER A 472 -9.97 -15.69 19.11
CA SER A 472 -8.82 -14.82 19.26
C SER A 472 -7.53 -15.61 19.51
N PRO A 473 -6.43 -15.23 18.84
CA PRO A 473 -5.19 -15.95 19.12
C PRO A 473 -4.41 -15.32 20.25
N ASP A 474 -4.91 -14.24 20.86
CA ASP A 474 -4.14 -13.38 21.74
C ASP A 474 -4.04 -14.03 23.13
N GLU A 475 -2.90 -13.82 23.78
CA GLU A 475 -2.76 -14.20 25.22
C GLU A 475 -3.73 -13.42 26.08
N GLY A 476 -4.45 -14.11 26.95
CA GLY A 476 -5.39 -13.40 27.79
C GLY A 476 -6.80 -13.38 27.21
N PHE A 477 -6.96 -13.78 25.95
CA PHE A 477 -8.29 -13.83 25.31
C PHE A 477 -8.57 -15.24 24.86
N GLU A 478 -8.00 -16.21 25.56
CA GLU A 478 -8.28 -17.61 25.27
C GLU A 478 -9.78 -17.88 25.41
N GLY A 479 -10.38 -18.57 24.44
CA GLY A 479 -11.84 -18.79 24.43
C GLY A 479 -12.74 -17.57 24.14
N LYS A 480 -12.15 -16.41 23.87
CA LYS A 480 -12.91 -15.24 23.43
C LYS A 480 -12.80 -15.10 21.88
N SER A 481 -13.70 -14.32 21.29
CA SER A 481 -13.72 -14.13 19.83
C SER A 481 -12.60 -13.13 19.46
N LEU A 482 -12.17 -13.24 18.20
CA LEU A 482 -11.27 -12.22 17.58
C LEU A 482 -11.88 -10.83 17.63
N TYR A 483 -13.20 -10.76 17.40
CA TYR A 483 -13.86 -9.49 17.53
C TYR A 483 -13.64 -8.83 18.89
N GLU A 484 -13.77 -9.62 19.96
CA GLU A 484 -13.63 -9.10 21.31
C GLU A 484 -12.18 -8.58 21.58
N SER A 485 -11.19 -9.37 21.15
CA SER A 485 -9.78 -8.98 21.41
C SER A 485 -9.42 -7.76 20.58
N TRP A 486 -9.82 -7.83 19.31
CA TRP A 486 -9.58 -6.72 18.39
C TRP A 486 -10.25 -5.43 18.86
N THR A 487 -11.53 -5.51 19.27
CA THR A 487 -12.19 -4.31 19.76
C THR A 487 -11.55 -3.77 21.04
N LYS A 488 -11.18 -4.68 21.93
CA LYS A 488 -10.52 -4.25 23.15
C LYS A 488 -9.17 -3.55 22.90
N LYS A 489 -8.33 -4.14 22.05
CA LYS A 489 -6.96 -3.60 21.79
C LYS A 489 -6.90 -2.46 20.78
N SER A 490 -7.91 -2.37 19.93
CA SER A 490 -7.93 -1.37 18.88
C SER A 490 -9.29 -0.71 18.76
N PRO A 491 -9.70 0.04 19.80
CA PRO A 491 -11.05 0.63 19.79
C PRO A 491 -11.25 1.63 18.62
N SER A 492 -12.42 1.65 18.03
CA SER A 492 -12.66 2.65 16.99
C SER A 492 -12.67 4.04 17.63
N PRO A 493 -12.13 5.07 16.93
CA PRO A 493 -12.26 6.42 17.49
C PRO A 493 -13.72 6.90 17.55
N GLU A 494 -14.53 6.55 16.56
CA GLU A 494 -15.92 7.00 16.56
C GLU A 494 -16.91 6.25 17.48
N PHE A 495 -16.76 4.94 17.67
CA PHE A 495 -17.93 4.16 18.06
C PHE A 495 -18.06 3.42 19.38
N SER A 496 -16.98 3.03 20.05
CA SER A 496 -17.09 2.32 21.36
C SER A 496 -17.93 1.01 21.29
N GLY A 497 -17.30 -0.12 21.62
CA GLY A 497 -17.94 -1.42 21.46
C GLY A 497 -17.67 -1.95 20.06
N MET A 498 -17.04 -1.08 19.25
CA MET A 498 -16.57 -1.37 17.83
C MET A 498 -15.05 -1.22 17.62
N PRO A 499 -14.49 -2.03 16.71
CA PRO A 499 -13.04 -1.97 16.44
C PRO A 499 -12.69 -0.92 15.39
N ARG A 500 -11.44 -0.46 15.39
CA ARG A 500 -10.97 0.45 14.35
C ARG A 500 -10.89 -0.28 13.00
N ILE A 501 -11.41 0.36 11.94
CA ILE A 501 -11.22 -0.14 10.57
C ILE A 501 -10.86 1.11 9.76
N SER A 502 -9.71 1.06 9.09
CA SER A 502 -9.15 2.23 8.45
C SER A 502 -9.65 2.27 6.99
N LYS A 503 -9.53 3.46 6.41
CA LYS A 503 -9.71 3.70 4.97
CA LYS A 503 -9.79 3.59 4.96
C LYS A 503 -8.60 2.94 4.27
N LEU A 504 -8.84 2.51 3.04
CA LEU A 504 -7.75 2.04 2.17
C LEU A 504 -6.94 3.22 1.76
N GLY A 505 -5.60 3.08 1.86
CA GLY A 505 -4.70 4.08 1.26
C GLY A 505 -4.18 3.51 -0.06
N SER A 506 -2.84 3.49 -0.21
CA SER A 506 -2.26 2.83 -1.37
C SER A 506 -0.87 2.29 -1.01
N GLY A 507 -0.03 2.02 -2.05
CA GLY A 507 1.23 1.34 -1.79
C GLY A 507 1.06 -0.16 -1.72
N ASN A 508 -0.06 -0.67 -2.31
CA ASN A 508 -0.19 -2.12 -2.46
C ASN A 508 -1.10 -2.49 -3.60
N ASP A 509 -1.24 -3.78 -3.87
CA ASP A 509 -1.84 -4.23 -5.14
C ASP A 509 -3.35 -4.06 -5.29
N PHE A 510 -4.03 -3.62 -4.25
CA PHE A 510 -5.45 -3.28 -4.46
C PHE A 510 -5.70 -1.98 -5.18
N GLU A 511 -4.64 -1.13 -5.40
CA GLU A 511 -4.87 0.23 -5.90
C GLU A 511 -5.62 0.25 -7.25
N VAL A 512 -5.23 -0.62 -8.19
CA VAL A 512 -5.87 -0.57 -9.52
C VAL A 512 -7.35 -1.02 -9.36
N PHE A 513 -7.54 -2.03 -8.52
CA PHE A 513 -8.93 -2.52 -8.37
C PHE A 513 -9.85 -1.55 -7.70
N PHE A 514 -9.37 -0.85 -6.69
CA PHE A 514 -10.25 0.01 -5.89
C PHE A 514 -10.31 1.43 -6.48
N GLN A 515 -9.15 2.11 -6.51
CA GLN A 515 -9.21 3.50 -6.94
C GLN A 515 -9.30 3.73 -8.48
N ARG A 516 -8.84 2.78 -9.30
CA ARG A 516 -9.05 2.89 -10.76
C ARG A 516 -10.41 2.31 -11.20
N LEU A 517 -10.65 1.05 -10.86
CA LEU A 517 -11.84 0.35 -11.35
C LEU A 517 -13.07 0.38 -10.44
N GLY A 518 -12.95 0.71 -9.15
CA GLY A 518 -14.10 0.86 -8.28
C GLY A 518 -14.67 -0.51 -7.92
N ILE A 519 -13.79 -1.48 -7.63
CA ILE A 519 -14.21 -2.81 -7.12
C ILE A 519 -14.04 -2.80 -5.60
N ALA A 520 -15.08 -3.18 -4.86
CA ALA A 520 -15.00 -3.17 -3.38
C ALA A 520 -13.75 -3.95 -2.97
N SER A 521 -12.93 -3.35 -2.10
CA SER A 521 -11.65 -3.95 -1.75
C SER A 521 -11.40 -3.93 -0.24
N GLY A 522 -10.55 -4.88 0.20
CA GLY A 522 -10.14 -4.88 1.61
C GLY A 522 -8.78 -5.57 1.80
N ARG A 523 -8.23 -5.38 3.01
CA ARG A 523 -6.96 -6.02 3.41
C ARG A 523 -7.03 -6.23 4.94
N ALA A 524 -6.28 -7.24 5.43
CA ALA A 524 -6.25 -7.52 6.88
C ALA A 524 -4.89 -8.16 7.19
N ARG A 525 -4.37 -7.83 8.38
CA ARG A 525 -3.12 -8.49 8.83
C ARG A 525 -3.03 -8.29 10.30
N TYR A 526 -2.07 -8.96 10.93
CA TYR A 526 -1.77 -8.65 12.33
C TYR A 526 -0.78 -7.51 12.40
N THR A 527 -0.95 -6.66 13.41
CA THR A 527 -0.23 -5.41 13.48
C THR A 527 0.26 -5.13 14.92
N LYS A 528 1.00 -4.05 15.06
CA LYS A 528 1.58 -3.63 16.35
C LYS A 528 0.58 -2.70 17.06
N ASN A 529 0.92 -2.26 18.26
CA ASN A 529 0.05 -1.34 18.98
C ASN A 529 -0.17 0.09 18.35
N TRP A 530 -1.42 0.46 18.01
CA TRP A 530 -1.71 1.82 17.41
C TRP A 530 -1.20 2.97 18.30
N GLU A 531 -1.24 2.75 19.63
CA GLU A 531 -0.73 3.67 20.65
C GLU A 531 0.78 3.93 20.53
N THR A 532 1.57 2.91 20.17
CA THR A 532 3.03 3.11 19.99
C THR A 532 3.46 3.34 18.51
N ASN A 533 2.47 3.29 17.59
CA ASN A 533 2.71 3.35 16.13
C ASN A 533 3.21 4.70 15.57
N LYS A 534 4.50 4.75 15.21
CA LYS A 534 5.17 5.94 14.68
C LYS A 534 5.02 6.10 13.13
N PHE A 535 4.30 5.13 12.53
CA PHE A 535 3.98 5.02 11.08
C PHE A 535 5.20 5.09 10.15
N SER A 536 6.17 4.23 10.43
CA SER A 536 7.38 4.19 9.62
C SER A 536 7.63 2.81 9.01
N GLY A 537 6.85 1.81 9.45
CA GLY A 537 7.02 0.40 9.00
C GLY A 537 7.77 -0.31 10.12
N TYR A 538 7.77 -1.67 10.12
CA TYR A 538 8.48 -2.52 11.15
C TYR A 538 9.95 -2.32 10.86
N PRO A 539 10.81 -2.56 11.87
CA PRO A 539 12.17 -2.07 11.63
C PRO A 539 12.94 -2.71 10.50
N LEU A 540 12.71 -3.98 10.19
CA LEU A 540 13.55 -4.68 9.17
C LEU A 540 12.93 -4.63 7.78
N TYR A 541 11.91 -3.77 7.65
CA TYR A 541 11.25 -3.59 6.34
C TYR A 541 12.21 -3.41 5.16
N HIS A 542 12.09 -4.30 4.15
CA HIS A 542 12.83 -4.20 2.86
C HIS A 542 14.38 -4.28 3.03
N SER A 543 14.79 -4.86 4.14
CA SER A 543 16.21 -5.12 4.44
C SER A 543 16.55 -6.60 4.20
N VAL A 544 17.84 -6.90 4.03
CA VAL A 544 18.25 -8.30 3.84
C VAL A 544 17.89 -9.10 5.11
N TYR A 545 17.61 -8.42 6.24
CA TYR A 545 17.37 -9.17 7.50
C TYR A 545 15.93 -9.69 7.64
N GLU A 546 15.04 -9.36 6.66
CA GLU A 546 13.68 -9.89 6.66
C GLU A 546 13.67 -11.31 6.17
N THR A 547 13.80 -12.28 7.08
CA THR A 547 14.02 -13.66 6.73
C THR A 547 12.99 -14.58 7.40
N TYR A 548 12.98 -15.85 7.01
CA TYR A 548 12.17 -16.84 7.72
C TYR A 548 12.45 -16.82 9.23
N GLU A 549 13.73 -16.68 9.59
CA GLU A 549 14.07 -16.68 11.03
C GLU A 549 13.50 -15.51 11.80
N LEU A 550 13.47 -14.35 11.17
CA LEU A 550 12.84 -13.21 11.79
C LEU A 550 11.44 -13.57 12.23
N VAL A 551 10.70 -14.20 11.31
CA VAL A 551 9.30 -14.49 11.59
C VAL A 551 9.14 -15.62 12.64
N GLU A 552 9.82 -16.73 12.39
CA GLU A 552 9.75 -17.92 13.24
C GLU A 552 10.25 -17.65 14.69
N LYS A 553 11.28 -16.79 14.82
CA LYS A 553 11.85 -16.53 16.14
C LYS A 553 11.21 -15.35 16.91
N PHE A 554 10.82 -14.28 16.22
CA PHE A 554 10.48 -13.05 16.90
C PHE A 554 9.03 -12.63 16.69
N TYR A 555 8.44 -13.01 15.56
CA TYR A 555 7.07 -12.53 15.30
C TYR A 555 5.98 -13.50 15.63
N ASP A 556 6.11 -14.75 15.17
CA ASP A 556 4.99 -15.69 15.22
C ASP A 556 5.41 -17.13 15.32
N PRO A 557 6.09 -17.50 16.44
CA PRO A 557 6.67 -18.82 16.44
C PRO A 557 5.70 -19.98 16.26
N MET A 558 4.46 -19.82 16.72
CA MET A 558 3.49 -20.91 16.59
CA MET A 558 3.46 -20.87 16.60
C MET A 558 2.63 -20.70 15.31
N PHE A 559 2.89 -19.62 14.57
CA PHE A 559 2.12 -19.40 13.31
C PHE A 559 0.63 -19.23 13.56
N LYS A 560 0.31 -18.79 14.77
CA LYS A 560 -1.08 -18.61 15.14
C LYS A 560 -1.65 -17.30 14.61
N TYR A 561 -0.81 -16.28 14.53
CA TYR A 561 -1.28 -15.01 13.96
C TYR A 561 -1.47 -15.18 12.45
N HIS A 562 -0.53 -15.85 11.78
CA HIS A 562 -0.69 -16.27 10.38
C HIS A 562 -2.00 -17.02 10.17
N LEU A 563 -2.27 -18.01 11.04
CA LEU A 563 -3.49 -18.76 10.89
C LEU A 563 -4.70 -17.86 11.04
N THR A 564 -4.68 -16.95 12.01
CA THR A 564 -5.80 -16.01 12.24
C THR A 564 -6.03 -15.15 10.98
N VAL A 565 -4.92 -14.63 10.46
CA VAL A 565 -5.03 -13.84 9.19
C VAL A 565 -5.51 -14.70 8.02
N ALA A 566 -5.08 -15.99 7.88
CA ALA A 566 -5.66 -16.84 6.86
C ALA A 566 -7.19 -17.04 7.06
N GLN A 567 -7.62 -17.16 8.30
CA GLN A 567 -9.07 -17.26 8.59
C GLN A 567 -9.87 -15.98 8.22
N VAL A 568 -9.28 -14.80 8.46
CA VAL A 568 -9.93 -13.54 8.16
C VAL A 568 -9.93 -13.35 6.63
N ARG A 569 -8.78 -13.49 5.96
CA ARG A 569 -8.79 -13.28 4.49
C ARG A 569 -9.64 -14.35 3.79
N GLY A 570 -9.42 -15.62 4.16
CA GLY A 570 -10.10 -16.72 3.54
C GLY A 570 -11.61 -16.72 3.86
N GLY A 571 -11.95 -16.38 5.09
CA GLY A 571 -13.33 -16.19 5.56
C GLY A 571 -14.07 -15.13 4.73
N MET A 572 -13.39 -14.02 4.53
CA MET A 572 -13.97 -12.97 3.67
C MET A 572 -14.20 -13.45 2.26
N VAL A 573 -13.21 -14.09 1.63
CA VAL A 573 -13.36 -14.58 0.30
C VAL A 573 -14.54 -15.58 0.28
N PHE A 574 -14.58 -16.49 1.29
CA PHE A 574 -15.63 -17.49 1.31
C PHE A 574 -17.03 -16.86 1.26
N GLU A 575 -17.27 -15.90 2.14
CA GLU A 575 -18.59 -15.26 2.32
C GLU A 575 -18.90 -14.49 1.00
N LEU A 576 -17.93 -13.72 0.51
CA LEU A 576 -18.12 -13.00 -0.77
C LEU A 576 -18.46 -13.91 -1.93
N ALA A 577 -17.78 -15.07 -2.04
CA ALA A 577 -17.98 -15.97 -3.16
C ALA A 577 -19.23 -16.89 -2.92
N ASN A 578 -19.74 -16.97 -1.71
CA ASN A 578 -20.78 -18.04 -1.44
CA ASN A 578 -20.80 -18.01 -1.41
C ASN A 578 -22.12 -17.57 -0.88
N SER A 579 -22.17 -16.40 -0.28
CA SER A 579 -23.42 -15.87 0.26
C SER A 579 -24.40 -15.62 -0.88
N ILE A 580 -25.66 -15.97 -0.63
CA ILE A 580 -26.65 -15.80 -1.69
C ILE A 580 -26.82 -14.33 -2.01
N VAL A 581 -27.00 -13.52 -0.98
CA VAL A 581 -27.02 -12.09 -1.13
C VAL A 581 -25.56 -11.64 -0.87
N LEU A 582 -25.01 -10.77 -1.74
CA LEU A 582 -23.67 -10.24 -1.46
C LEU A 582 -23.63 -9.59 -0.08
N PRO A 583 -22.50 -9.86 0.68
CA PRO A 583 -22.50 -9.43 2.07
C PRO A 583 -21.94 -7.99 2.20
N PHE A 584 -22.61 -7.05 1.54
CA PHE A 584 -22.25 -5.64 1.60
C PHE A 584 -23.43 -4.94 2.23
N ASP A 585 -23.15 -3.99 3.09
CA ASP A 585 -24.18 -3.16 3.71
C ASP A 585 -24.05 -1.69 3.25
N CYS A 586 -24.86 -1.31 2.26
CA CYS A 586 -24.79 0.10 1.83
C CYS A 586 -25.01 1.13 2.88
N ARG A 587 -25.74 0.83 3.98
CA ARG A 587 -25.93 1.85 4.98
C ARG A 587 -24.62 2.28 5.70
N ASP A 588 -23.65 1.39 5.73
CA ASP A 588 -22.35 1.72 6.35
C ASP A 588 -21.61 2.76 5.47
N TYR A 589 -21.83 2.74 4.15
CA TYR A 589 -21.26 3.86 3.34
C TYR A 589 -21.95 5.15 3.69
N ALA A 590 -23.26 5.11 3.95
CA ALA A 590 -23.95 6.38 4.29
C ALA A 590 -23.39 7.08 5.53
N VAL A 591 -23.07 6.28 6.56
CA VAL A 591 -22.52 6.78 7.76
C VAL A 591 -21.15 7.42 7.53
N VAL A 592 -20.29 6.74 6.75
CA VAL A 592 -18.96 7.36 6.58
C VAL A 592 -19.00 8.57 5.71
N LEU A 593 -19.91 8.58 4.71
CA LEU A 593 -20.02 9.75 3.83
C LEU A 593 -20.35 11.00 4.61
N ARG A 594 -21.22 10.86 5.64
CA ARG A 594 -21.56 12.00 6.49
C ARG A 594 -20.34 12.45 7.32
N LYS A 595 -19.59 11.50 7.87
CA LYS A 595 -18.35 11.79 8.57
C LYS A 595 -17.34 12.54 7.65
N TYR A 596 -17.16 12.05 6.41
CA TYR A 596 -16.24 12.75 5.49
C TYR A 596 -16.78 14.07 5.07
N ALA A 597 -18.11 14.19 4.89
CA ALA A 597 -18.62 15.51 4.54
C ALA A 597 -18.41 16.52 5.68
N ASP A 598 -18.71 16.11 6.92
CA ASP A 598 -18.35 16.96 8.08
C ASP A 598 -16.89 17.38 8.10
N LYS A 599 -15.98 16.43 7.81
CA LYS A 599 -14.58 16.71 7.90
C LYS A 599 -14.13 17.75 6.88
N ILE A 600 -14.55 17.54 5.62
CA ILE A 600 -14.13 18.48 4.57
C ILE A 600 -14.77 19.89 4.74
N TYR A 601 -16.04 19.96 5.17
CA TYR A 601 -16.66 21.21 5.54
C TYR A 601 -15.84 21.93 6.64
N SER A 602 -15.41 21.17 7.65
CA SER A 602 -14.60 21.77 8.73
C SER A 602 -13.31 22.34 8.26
N ILE A 603 -12.66 21.66 7.30
CA ILE A 603 -11.46 22.22 6.71
C ILE A 603 -11.73 23.56 6.02
N SER A 604 -12.80 23.60 5.23
CA SER A 604 -13.13 24.80 4.49
C SER A 604 -13.44 25.95 5.44
N MET A 605 -14.09 25.60 6.53
CA MET A 605 -14.54 26.64 7.51
C MET A 605 -13.43 27.31 8.29
N LYS A 606 -12.17 26.92 8.08
CA LYS A 606 -11.00 27.66 8.57
C LYS A 606 -10.84 28.99 7.78
N HIS A 607 -11.63 29.16 6.71
CA HIS A 607 -11.55 30.32 5.80
C HIS A 607 -12.94 30.97 5.61
N PRO A 608 -13.58 31.39 6.74
CA PRO A 608 -14.97 31.87 6.68
C PRO A 608 -15.12 33.08 5.80
N GLN A 609 -14.12 33.98 5.82
CA GLN A 609 -14.21 35.17 4.98
C GLN A 609 -14.26 34.80 3.48
N GLU A 610 -13.40 33.90 3.06
CA GLU A 610 -13.42 33.51 1.63
C GLU A 610 -14.69 32.74 1.26
N MET A 611 -15.27 31.98 2.21
CA MET A 611 -16.46 31.24 1.86
C MET A 611 -17.59 32.26 1.63
N LYS A 612 -17.60 33.35 2.43
CA LYS A 612 -18.57 34.42 2.21
C LYS A 612 -18.34 35.12 0.87
N THR A 613 -17.09 35.52 0.59
CA THR A 613 -16.79 36.26 -0.63
C THR A 613 -17.12 35.49 -1.91
N TYR A 614 -16.82 34.19 -1.90
CA TYR A 614 -16.96 33.41 -3.13
C TYR A 614 -18.20 32.53 -3.13
N SER A 615 -19.05 32.68 -2.10
CA SER A 615 -20.30 31.92 -2.01
C SER A 615 -20.06 30.43 -2.09
N VAL A 616 -19.16 29.96 -1.23
CA VAL A 616 -18.77 28.55 -1.18
C VAL A 616 -19.73 27.80 -0.26
N SER A 617 -20.62 27.03 -0.85
CA SER A 617 -21.59 26.25 -0.06
C SER A 617 -21.36 24.76 -0.16
N PHE A 618 -21.48 24.07 0.97
CA PHE A 618 -21.45 22.62 1.00
C PHE A 618 -22.84 22.06 1.00
N ASP A 619 -23.86 22.92 0.84
CA ASP A 619 -25.25 22.38 0.87
C ASP A 619 -25.52 21.25 -0.06
N SER A 620 -25.04 21.35 -1.29
CA SER A 620 -25.31 20.25 -2.22
C SER A 620 -24.71 18.91 -1.77
N LEU A 621 -23.50 18.94 -1.20
CA LEU A 621 -22.91 17.67 -0.76
C LEU A 621 -23.67 17.05 0.44
N PHE A 622 -24.02 17.89 1.44
CA PHE A 622 -24.83 17.38 2.54
C PHE A 622 -26.18 16.85 2.08
N SER A 623 -26.79 17.54 1.11
CA SER A 623 -28.03 17.05 0.49
C SER A 623 -27.88 15.70 -0.17
N ALA A 624 -26.81 15.55 -0.96
CA ALA A 624 -26.57 14.28 -1.55
C ALA A 624 -26.33 13.16 -0.53
N VAL A 625 -25.60 13.48 0.53
CA VAL A 625 -25.30 12.45 1.59
C VAL A 625 -26.62 12.07 2.32
N LYS A 626 -27.45 13.07 2.57
CA LYS A 626 -28.82 12.77 3.11
C LYS A 626 -29.65 11.92 2.23
N ASN A 627 -29.69 12.20 0.91
CA ASN A 627 -30.37 11.35 0.02
C ASN A 627 -29.81 9.91 -0.04
N PHE A 628 -28.48 9.79 -0.04
CA PHE A 628 -27.84 8.51 -0.04
C PHE A 628 -28.32 7.69 1.18
N THR A 629 -28.38 8.36 2.30
CA THR A 629 -28.74 7.68 3.60
C THR A 629 -30.17 7.16 3.49
N GLU A 630 -31.07 8.04 3.02
CA GLU A 630 -32.50 7.66 2.80
C GLU A 630 -32.70 6.56 1.80
N ILE A 631 -32.05 6.66 0.60
CA ILE A 631 -32.21 5.63 -0.38
C ILE A 631 -31.62 4.28 0.06
N ALA A 632 -30.45 4.35 0.72
CA ALA A 632 -29.74 3.15 1.17
C ALA A 632 -30.62 2.43 2.23
N SER A 633 -31.27 3.24 3.07
CA SER A 633 -32.19 2.63 4.11
C SER A 633 -33.34 1.90 3.42
N LYS A 634 -33.95 2.54 2.43
CA LYS A 634 -35.00 1.87 1.70
C LYS A 634 -34.55 0.66 0.89
N PHE A 635 -33.35 0.71 0.28
CA PHE A 635 -32.87 -0.41 -0.46
C PHE A 635 -32.67 -1.63 0.52
N SER A 636 -32.15 -1.32 1.70
CA SER A 636 -31.88 -2.35 2.72
CA SER A 636 -31.87 -2.36 2.72
C SER A 636 -33.18 -3.05 3.10
N GLU A 637 -34.22 -2.25 3.30
CA GLU A 637 -35.60 -2.85 3.56
C GLU A 637 -36.03 -3.81 2.45
N ARG A 638 -35.90 -3.39 1.18
CA ARG A 638 -36.23 -4.32 0.10
C ARG A 638 -35.38 -5.55 0.06
N LEU A 639 -34.10 -5.40 0.42
CA LEU A 639 -33.19 -6.51 0.32
C LEU A 639 -33.58 -7.57 1.36
N GLN A 640 -34.13 -7.10 2.45
CA GLN A 640 -34.56 -8.01 3.50
C GLN A 640 -35.93 -8.61 3.19
N ASP A 641 -36.81 -7.79 2.61
CA ASP A 641 -38.21 -8.13 2.31
C ASP A 641 -38.46 -8.70 0.96
N PHE A 642 -37.47 -8.76 0.07
CA PHE A 642 -37.77 -9.13 -1.30
C PHE A 642 -38.07 -10.55 -1.36
N ASP A 643 -38.82 -10.91 -2.40
CA ASP A 643 -39.22 -12.31 -2.57
C ASP A 643 -37.99 -13.16 -2.80
N LYS A 644 -37.64 -13.99 -1.80
CA LYS A 644 -36.36 -14.75 -1.76
C LYS A 644 -36.34 -15.85 -2.81
N SER A 645 -37.56 -16.29 -3.24
CA SER A 645 -37.71 -17.24 -4.32
C SER A 645 -37.22 -16.66 -5.74
N ASN A 646 -37.15 -15.34 -5.93
CA ASN A 646 -36.95 -14.84 -7.32
C ASN A 646 -35.46 -14.49 -7.62
N PRO A 647 -34.82 -15.26 -8.51
CA PRO A 647 -33.42 -15.17 -8.72
C PRO A 647 -33.07 -13.97 -9.56
N ILE A 648 -34.00 -13.50 -10.43
CA ILE A 648 -33.69 -12.34 -11.25
C ILE A 648 -33.79 -11.19 -10.32
N VAL A 649 -34.75 -11.22 -9.40
CA VAL A 649 -34.85 -10.18 -8.44
C VAL A 649 -33.53 -10.27 -7.67
N LEU A 650 -33.07 -11.51 -7.45
CA LEU A 650 -31.86 -11.68 -6.62
C LEU A 650 -30.62 -11.11 -7.41
N ARG A 651 -30.47 -11.51 -8.65
CA ARG A 651 -29.36 -11.05 -9.51
C ARG A 651 -29.45 -9.52 -9.65
N MET A 652 -30.65 -8.96 -9.84
CA MET A 652 -30.84 -7.46 -9.81
CA MET A 652 -30.76 -7.50 -9.89
C MET A 652 -30.30 -6.81 -8.60
N MET A 653 -30.71 -7.32 -7.41
CA MET A 653 -30.30 -6.67 -6.21
C MET A 653 -28.78 -6.93 -5.90
N ASN A 654 -28.27 -8.07 -6.34
CA ASN A 654 -26.80 -8.38 -6.14
C ASN A 654 -26.02 -7.45 -7.10
N ASP A 655 -26.54 -7.25 -8.31
CA ASP A 655 -25.91 -6.22 -9.21
C ASP A 655 -25.95 -4.85 -8.64
N GLN A 656 -27.03 -4.41 -7.99
CA GLN A 656 -27.01 -3.09 -7.40
C GLN A 656 -25.89 -3.03 -6.30
N LEU A 657 -25.76 -4.12 -5.53
CA LEU A 657 -24.73 -4.14 -4.49
C LEU A 657 -23.30 -4.11 -5.10
N MET A 658 -23.10 -4.87 -6.17
CA MET A 658 -21.78 -5.02 -6.80
C MET A 658 -21.43 -3.67 -7.45
N PHE A 659 -22.41 -3.05 -8.08
CA PHE A 659 -22.08 -1.76 -8.81
C PHE A 659 -22.09 -0.52 -7.92
N LEU A 660 -22.35 -0.65 -6.61
CA LEU A 660 -22.38 0.51 -5.77
C LEU A 660 -20.96 1.10 -5.61
N GLU A 661 -19.95 0.26 -5.31
CA GLU A 661 -18.58 0.81 -5.27
C GLU A 661 -18.27 1.41 -6.68
N ARG A 662 -18.72 0.76 -7.72
CA ARG A 662 -18.41 1.18 -9.12
C ARG A 662 -18.95 2.58 -9.34
N ALA A 663 -20.09 2.91 -8.70
CA ALA A 663 -20.71 4.20 -8.94
C ALA A 663 -19.89 5.36 -8.44
N PHE A 664 -18.91 5.15 -7.53
CA PHE A 664 -18.14 6.27 -7.08
C PHE A 664 -16.99 6.62 -8.02
N ILE A 665 -16.85 5.88 -9.11
CA ILE A 665 -15.81 6.17 -10.16
C ILE A 665 -16.28 7.34 -11.03
N ASP A 666 -15.37 8.29 -11.28
CA ASP A 666 -15.58 9.35 -12.25
C ASP A 666 -14.68 9.03 -13.44
N PRO A 667 -15.23 8.87 -14.63
CA PRO A 667 -14.40 8.43 -15.73
C PRO A 667 -13.34 9.53 -16.11
N LEU A 668 -13.53 10.77 -15.68
CA LEU A 668 -12.54 11.82 -16.04
C LEU A 668 -11.39 11.83 -15.05
N GLY A 669 -11.50 11.07 -13.94
CA GLY A 669 -10.42 10.97 -12.96
C GLY A 669 -10.32 12.22 -12.08
N LEU A 670 -9.35 12.25 -11.16
CA LEU A 670 -9.11 13.45 -10.37
C LEU A 670 -8.09 14.34 -11.09
N PRO A 671 -8.04 15.63 -10.74
CA PRO A 671 -7.14 16.55 -11.47
C PRO A 671 -5.68 16.08 -11.62
N ASP A 672 -5.22 15.95 -12.88
CA ASP A 672 -3.87 15.51 -13.20
C ASP A 672 -3.54 14.13 -12.70
N ARG A 673 -4.54 13.39 -12.24
CA ARG A 673 -4.31 12.01 -11.78
C ARG A 673 -5.43 11.12 -12.40
N PRO A 674 -5.30 10.83 -13.69
CA PRO A 674 -6.38 10.18 -14.45
C PRO A 674 -6.70 8.77 -14.00
N PHE A 675 -5.77 8.12 -13.31
CA PHE A 675 -5.94 6.71 -12.83
C PHE A 675 -6.48 6.64 -11.42
N TYR A 676 -6.62 7.82 -10.77
CA TYR A 676 -7.34 7.84 -9.47
C TYR A 676 -8.74 8.39 -9.77
N ARG A 677 -9.71 7.46 -9.88
CA ARG A 677 -11.01 7.83 -10.45
C ARG A 677 -12.12 7.76 -9.37
N HIS A 678 -11.78 7.18 -8.22
CA HIS A 678 -12.80 7.09 -7.15
C HIS A 678 -12.91 8.46 -6.48
N VAL A 679 -14.13 8.97 -6.33
CA VAL A 679 -14.33 10.36 -5.86
C VAL A 679 -14.31 10.45 -4.35
N ILE A 680 -14.55 9.31 -3.71
CA ILE A 680 -14.58 9.34 -2.23
C ILE A 680 -13.15 9.12 -1.65
N TYR A 681 -12.37 8.22 -2.24
CA TYR A 681 -11.05 7.83 -1.68
C TYR A 681 -9.98 7.96 -2.77
N ALA A 682 -8.88 8.67 -2.46
CA ALA A 682 -7.68 8.56 -3.29
C ALA A 682 -6.49 8.47 -2.34
N PRO A 683 -5.35 7.96 -2.83
CA PRO A 683 -4.12 8.05 -2.04
C PRO A 683 -3.80 9.51 -1.83
N SER A 684 -3.38 9.90 -0.61
CA SER A 684 -2.98 11.27 -0.34
C SER A 684 -1.94 11.78 -1.33
N SER A 685 -2.14 12.98 -1.85
CA SER A 685 -1.18 13.65 -2.75
C SER A 685 0.16 13.94 -2.05
N HIS A 686 0.14 13.86 -0.73
CA HIS A 686 1.38 14.06 0.10
C HIS A 686 1.95 12.80 0.66
N ASN A 687 1.26 11.67 0.49
CA ASN A 687 1.73 10.44 1.10
C ASN A 687 0.89 9.31 0.49
N LYS A 688 1.44 8.65 -0.52
CA LYS A 688 0.70 7.57 -1.20
C LYS A 688 0.19 6.49 -0.27
N TYR A 689 0.84 6.24 0.88
CA TYR A 689 0.30 5.16 1.76
C TYR A 689 -1.05 5.46 2.42
N ALA A 690 -1.31 6.75 2.64
CA ALA A 690 -2.44 7.19 3.41
C ALA A 690 -3.64 7.40 2.49
N GLY A 691 -4.83 7.00 2.95
CA GLY A 691 -6.01 7.41 2.15
C GLY A 691 -6.49 8.80 2.50
N GLU A 692 -7.01 9.50 1.51
CA GLU A 692 -7.67 10.78 1.72
C GLU A 692 -9.14 10.67 1.31
N SER A 693 -10.04 11.25 2.11
CA SER A 693 -11.45 11.25 1.72
C SER A 693 -11.82 12.55 1.03
N PHE A 694 -12.82 12.50 0.11
CA PHE A 694 -13.11 13.67 -0.74
C PHE A 694 -11.84 14.34 -1.27
N PRO A 695 -10.97 13.51 -1.89
CA PRO A 695 -9.64 14.01 -2.29
C PRO A 695 -9.67 15.20 -3.20
N GLY A 696 -10.66 15.27 -4.12
CA GLY A 696 -10.66 16.40 -5.09
C GLY A 696 -10.90 17.69 -4.30
N ILE A 697 -11.83 17.65 -3.33
CA ILE A 697 -12.10 18.90 -2.51
C ILE A 697 -10.90 19.13 -1.57
N TYR A 698 -10.37 18.09 -0.92
CA TYR A 698 -9.22 18.26 -0.06
C TYR A 698 -8.04 18.94 -0.77
N ASP A 699 -7.61 18.40 -1.92
CA ASP A 699 -6.51 19.05 -2.62
C ASP A 699 -6.86 20.46 -3.07
N ALA A 700 -8.10 20.76 -3.48
CA ALA A 700 -8.44 22.12 -3.87
C ALA A 700 -8.29 23.07 -2.65
N LEU A 701 -8.55 22.56 -1.47
CA LEU A 701 -8.43 23.42 -0.23
C LEU A 701 -7.02 23.50 0.33
N PHE A 702 -6.18 22.53 0.01
CA PHE A 702 -4.88 22.43 0.67
C PHE A 702 -4.01 23.63 0.37
N ASP A 703 -3.51 24.25 1.44
CA ASP A 703 -2.60 25.42 1.32
C ASP A 703 -3.25 26.54 0.50
N ILE A 704 -4.59 26.65 0.52
CA ILE A 704 -5.24 27.58 -0.41
C ILE A 704 -4.92 29.05 -0.10
N GLU A 705 -4.58 29.32 1.16
CA GLU A 705 -4.23 30.70 1.59
C GLU A 705 -2.94 31.21 0.94
N SER A 706 -2.18 30.31 0.31
CA SER A 706 -0.97 30.67 -0.42
C SER A 706 -1.17 30.89 -1.88
N LYS A 707 -2.35 30.61 -2.43
CA LYS A 707 -2.55 30.75 -3.88
C LYS A 707 -2.66 32.22 -4.26
N VAL A 708 -2.05 32.61 -5.37
CA VAL A 708 -1.99 34.04 -5.68
C VAL A 708 -3.29 34.56 -6.32
N ASP A 709 -4.09 33.67 -6.90
CA ASP A 709 -5.39 34.05 -7.43
C ASP A 709 -6.52 33.37 -6.62
N PRO A 710 -6.96 33.99 -5.51
CA PRO A 710 -7.94 33.31 -4.65
C PRO A 710 -9.29 33.04 -5.34
N SER A 711 -9.69 33.92 -6.26
CA SER A 711 -10.94 33.72 -6.98
C SER A 711 -10.90 32.40 -7.75
N LYS A 712 -9.81 32.19 -8.49
CA LYS A 712 -9.64 30.95 -9.23
C LYS A 712 -9.61 29.71 -8.28
N ALA A 713 -8.88 29.87 -7.16
CA ALA A 713 -8.69 28.77 -6.23
C ALA A 713 -10.02 28.37 -5.60
N TRP A 714 -10.82 29.37 -5.20
CA TRP A 714 -12.06 29.01 -4.51
C TRP A 714 -13.08 28.54 -5.55
N GLY A 715 -12.98 29.03 -6.78
CA GLY A 715 -13.77 28.50 -7.92
C GLY A 715 -13.54 27.01 -8.06
N GLU A 716 -12.28 26.58 -7.89
CA GLU A 716 -11.97 25.14 -8.09
C GLU A 716 -12.48 24.35 -6.90
N VAL A 717 -12.42 24.95 -5.70
CA VAL A 717 -13.10 24.32 -4.55
C VAL A 717 -14.57 24.07 -4.88
N LYS A 718 -15.27 25.09 -5.40
CA LYS A 718 -16.71 24.93 -5.71
C LYS A 718 -16.91 23.84 -6.78
N ARG A 719 -16.03 23.83 -7.78
CA ARG A 719 -16.13 22.80 -8.80
C ARG A 719 -16.07 21.39 -8.20
N GLN A 720 -15.13 21.19 -7.26
CA GLN A 720 -14.91 19.87 -6.67
C GLN A 720 -16.09 19.53 -5.72
N ILE A 721 -16.66 20.58 -5.08
CA ILE A 721 -17.91 20.30 -4.30
C ILE A 721 -19.00 19.78 -5.22
N TYR A 722 -19.22 20.42 -6.35
CA TYR A 722 -20.24 19.98 -7.34
C TYR A 722 -19.95 18.56 -7.80
N VAL A 723 -18.70 18.28 -8.15
CA VAL A 723 -18.39 16.92 -8.62
C VAL A 723 -18.69 15.84 -7.53
N ALA A 724 -18.30 16.15 -6.30
CA ALA A 724 -18.53 15.19 -5.18
C ALA A 724 -20.02 15.02 -4.91
N ALA A 725 -20.78 16.12 -4.83
CA ALA A 725 -22.25 16.02 -4.57
C ALA A 725 -22.95 15.25 -5.67
N PHE A 726 -22.59 15.56 -6.94
CA PHE A 726 -23.15 14.85 -8.03
C PHE A 726 -22.86 13.33 -7.94
N THR A 727 -21.60 12.97 -7.62
CA THR A 727 -21.20 11.54 -7.69
C THR A 727 -21.94 10.82 -6.56
N VAL A 728 -22.04 11.48 -5.40
CA VAL A 728 -22.74 10.84 -4.22
C VAL A 728 -24.21 10.59 -4.58
N GLN A 729 -24.85 11.62 -5.16
CA GLN A 729 -26.29 11.49 -5.58
C GLN A 729 -26.42 10.41 -6.63
N ALA A 730 -25.48 10.38 -7.61
CA ALA A 730 -25.60 9.38 -8.66
C ALA A 730 -25.43 7.97 -8.10
N ALA A 731 -24.48 7.79 -7.15
CA ALA A 731 -24.27 6.46 -6.52
C ALA A 731 -25.57 6.09 -5.75
N ALA A 732 -26.11 7.05 -5.01
CA ALA A 732 -27.43 6.80 -4.32
C ALA A 732 -28.47 6.33 -5.28
N GLU A 733 -28.60 7.03 -6.43
CA GLU A 733 -29.61 6.62 -7.40
C GLU A 733 -29.46 5.24 -7.97
N THR A 734 -28.27 4.61 -7.88
CA THR A 734 -28.12 3.25 -8.40
C THR A 734 -28.85 2.26 -7.45
N LEU A 735 -29.17 2.74 -6.26
CA LEU A 735 -29.85 1.88 -5.25
C LEU A 735 -31.35 2.12 -5.27
N SER A 736 -31.80 3.18 -5.95
CA SER A 736 -33.29 3.37 -6.15
C SER A 736 -33.90 2.17 -6.88
N GLU A 737 -35.25 1.99 -6.78
CA GLU A 737 -35.86 1.00 -7.67
C GLU A 737 -35.54 1.32 -9.14
N VAL A 738 -35.32 0.27 -9.85
CA VAL A 738 -34.69 0.34 -11.17
C VAL A 738 -35.61 0.87 -12.26
N ALA A 739 -36.92 0.80 -12.01
CA ALA A 739 -37.95 1.22 -13.02
C ALA A 739 -39.29 1.19 -12.33
C1 NAG B . 9.76 -25.73 -2.25
C2 NAG B . 11.11 -26.39 -2.45
C3 NAG B . 11.18 -27.05 -3.84
C4 NAG B . 10.01 -28.01 -4.09
C5 NAG B . 8.72 -27.32 -3.71
C6 NAG B . 7.54 -28.28 -3.86
C7 NAG B . 12.85 -25.26 -1.26
C8 NAG B . 13.83 -24.14 -1.28
N2 NAG B . 12.10 -25.35 -2.35
O3 NAG B . 12.37 -27.79 -3.91
O4 NAG B . 9.98 -28.30 -5.47
O5 NAG B . 8.78 -26.75 -2.39
O6 NAG B . 7.56 -29.28 -2.87
O7 NAG B . 12.75 -26.00 -0.30
C1 NAG B . 10.01 -29.73 -5.73
C2 NAG B . 9.53 -29.95 -7.15
C3 NAG B . 9.72 -31.40 -7.64
C4 NAG B . 11.13 -31.96 -7.36
C5 NAG B . 11.37 -31.72 -5.85
C6 NAG B . 12.71 -32.27 -5.37
C7 NAG B . 7.70 -28.46 -7.84
C8 NAG B . 6.22 -28.26 -7.94
N2 NAG B . 8.12 -29.61 -7.30
O3 NAG B . 9.49 -31.36 -9.03
O4 NAG B . 11.29 -33.32 -7.76
O5 NAG B . 11.31 -30.30 -5.61
O6 NAG B . 13.74 -31.39 -5.79
O7 NAG B . 8.48 -27.58 -8.21
C1 NAG C . 36.23 5.37 -1.53
C2 NAG C . 37.70 5.33 -1.05
C3 NAG C . 38.63 5.97 -2.06
C4 NAG C . 38.37 5.47 -3.49
C5 NAG C . 36.83 5.41 -3.84
C6 NAG C . 36.58 4.72 -5.18
C7 NAG C . 37.96 5.53 1.35
C8 NAG C . 38.13 6.41 2.56
N2 NAG C . 37.84 6.09 0.17
O3 NAG C . 39.97 5.68 -1.70
O4 NAG C . 39.10 6.32 -4.37
O5 NAG C . 36.10 4.76 -2.81
O6 NAG C . 36.89 3.33 -5.11
O7 NAG C . 37.93 4.31 1.47
C1 NAG C . 39.85 5.49 -5.29
C2 NAG C . 40.21 6.34 -6.51
C3 NAG C . 41.14 5.57 -7.46
C4 NAG C . 42.26 4.83 -6.73
C5 NAG C . 41.67 3.96 -5.60
C6 NAG C . 42.73 3.19 -4.82
C7 NAG C . 38.23 7.79 -6.97
C8 NAG C . 36.97 7.88 -7.77
N2 NAG C . 38.94 6.68 -7.17
O3 NAG C . 41.76 6.48 -8.35
O4 NAG C . 43.02 4.08 -7.67
O5 NAG C . 40.95 4.82 -4.70
O6 NAG C . 43.52 4.13 -4.12
O7 NAG C . 38.54 8.72 -6.20
C1 NAG D . 5.53 -10.12 20.51
C2 NAG D . 6.32 -8.85 20.20
C3 NAG D . 7.08 -8.29 21.44
C4 NAG D . 6.18 -8.12 22.68
C5 NAG D . 5.48 -9.48 22.87
C6 NAG D . 4.53 -9.44 24.08
C7 NAG D . 7.17 -8.29 17.99
C8 NAG D . 8.11 -8.53 16.88
N2 NAG D . 7.20 -9.10 19.06
O3 NAG D . 7.54 -6.97 21.24
O4 NAG D . 7.04 -7.72 23.78
O5 NAG D . 4.77 -9.89 21.69
O6 NAG D . 3.70 -8.30 24.00
O7 NAG D . 6.43 -7.32 17.91
C1 NAG D . 6.47 -6.87 24.82
C2 NAG D . 7.40 -6.90 26.05
C3 NAG D . 7.01 -5.84 27.07
C4 NAG D . 7.12 -4.46 26.44
C5 NAG D . 6.39 -4.35 25.09
C6 NAG D . 7.22 -3.44 24.18
C7 NAG D . 8.37 -9.13 26.29
C8 NAG D . 8.30 -10.50 26.91
N2 NAG D . 7.42 -8.24 26.63
O3 NAG D . 7.89 -5.83 28.16
O4 NAG D . 6.64 -3.49 27.36
O5 NAG D . 6.09 -5.57 24.38
O6 NAG D . 6.34 -2.74 23.32
O7 NAG D . 9.26 -8.87 25.49
C1 NAG E . -24.17 -9.43 10.12
C2 NAG E . -24.90 -9.43 8.76
C3 NAG E . -26.24 -8.73 8.98
C4 NAG E . -27.01 -9.39 10.14
C5 NAG E . -26.15 -9.38 11.41
C6 NAG E . -26.84 -10.05 12.62
C7 NAG E . -23.74 -9.17 6.68
C8 NAG E . -23.02 -8.32 5.64
N2 NAG E . -24.15 -8.62 7.78
O3 NAG E . -26.99 -8.78 7.78
O4 NAG E . -28.15 -8.62 10.38
O5 NAG E . -24.99 -10.13 11.06
O6 NAG E . -27.13 -11.39 12.25
O7 NAG E . -23.99 -10.32 6.44
C1 NAG E . -29.33 -9.46 10.40
C2 NAG E . -30.43 -8.57 10.95
C3 NAG E . -31.77 -9.30 10.92
C4 NAG E . -32.05 -9.85 9.52
C5 NAG E . -30.87 -10.79 9.23
C6 NAG E . -30.99 -11.64 7.98
C7 NAG E . -29.69 -6.91 12.53
C8 NAG E . -29.37 -6.54 13.96
N2 NAG E . -30.11 -8.15 12.31
O3 NAG E . -32.79 -8.39 11.29
O4 NAG E . -33.34 -10.45 9.49
O5 NAG E . -29.70 -9.97 9.13
O6 NAG E . -31.40 -10.74 6.98
O7 NAG E . -29.54 -6.09 11.62
C1 NAG F . -31.82 15.19 -2.75
C2 NAG F . -31.28 15.93 -4.00
C3 NAG F . -32.25 17.07 -4.34
C4 NAG F . -33.69 16.54 -4.54
C5 NAG F . -34.01 15.79 -3.24
C6 NAG F . -35.51 15.43 -3.10
C7 NAG F . -28.99 16.30 -4.76
C8 NAG F . -27.63 16.83 -4.33
N2 NAG F . -29.92 16.38 -3.80
O3 NAG F . -31.82 17.76 -5.47
O4 NAG F . -34.63 17.59 -4.55
O5 NAG F . -33.10 14.69 -3.12
O6 NAG F . -35.80 14.24 -3.78
O7 NAG F . -29.25 15.79 -5.89
C1 NAG F . -34.74 18.22 -5.82
C2 NAG F . -36.18 18.38 -6.32
C3 NAG F . -36.26 19.38 -7.50
C4 NAG F . -35.48 20.66 -7.16
C5 NAG F . -34.06 20.20 -6.77
C6 NAG F . -33.01 21.30 -6.62
C7 NAG F . -37.65 16.41 -6.09
C8 NAG F . -38.07 15.09 -6.67
N2 NAG F . -36.72 17.10 -6.76
O3 NAG F . -37.61 19.65 -7.85
O4 NAG F . -35.32 21.52 -8.28
O5 NAG F . -34.17 19.47 -5.56
O6 NAG F . -33.52 22.25 -5.73
O7 NAG F . -38.15 16.81 -5.02
C1 BMA F . -36.39 22.44 -8.48
C2 BMA F . -35.81 23.73 -9.05
C3 BMA F . -36.92 24.71 -9.37
C4 BMA F . -37.92 24.03 -10.31
C5 BMA F . -38.40 22.71 -9.72
C6 BMA F . -39.28 21.89 -10.63
O2 BMA F . -35.05 23.43 -10.25
O3 BMA F . -36.27 25.80 -10.03
O4 BMA F . -38.98 24.93 -10.50
O5 BMA F . -37.27 21.86 -9.42
O6 BMA F . -39.58 20.63 -9.97
C1 MAN F . -36.76 27.08 -9.58
C2 MAN F . -36.40 28.07 -10.68
C3 MAN F . -34.88 28.33 -10.69
C4 MAN F . -34.28 28.57 -9.30
C5 MAN F . -34.78 27.47 -8.33
C6 MAN F . -34.19 27.48 -6.90
O2 MAN F . -37.12 29.26 -10.46
O3 MAN F . -34.54 29.40 -11.51
O4 MAN F . -32.86 28.56 -9.40
O5 MAN F . -36.20 27.45 -8.32
O6 MAN F . -34.61 28.62 -6.18
C1 NAG G . 27.88 -1.20 -15.93
C2 NAG G . 27.40 -1.08 -17.38
C3 NAG G . 28.50 -1.34 -18.42
C4 NAG G . 29.91 -0.87 -17.99
C5 NAG G . 30.16 -1.29 -16.53
C6 NAG G . 31.61 -1.16 -15.99
C7 NAG G . 25.06 -1.52 -17.74
C8 NAG G . 23.93 -2.51 -17.88
N2 NAG G . 26.29 -1.99 -17.53
O3 NAG G . 28.16 -0.59 -19.54
O4 NAG G . 30.92 -1.38 -18.89
O5 NAG G . 29.17 -0.67 -15.71
O6 NAG G . 32.06 0.14 -15.64
O7 NAG G . 24.80 -0.34 -17.85
C1 NAG H . 17.14 29.55 -4.79
C2 NAG H . 16.32 30.81 -5.05
C3 NAG H . 15.89 30.80 -6.49
C4 NAG H . 17.10 30.91 -7.43
C5 NAG H . 18.18 29.89 -7.07
C6 NAG H . 19.46 30.44 -7.71
C7 NAG H . 15.12 31.60 -3.03
C8 NAG H . 13.77 31.72 -2.39
N2 NAG H . 15.12 31.00 -4.24
O3 NAG H . 15.08 31.93 -6.64
O4 NAG H . 16.70 30.75 -8.78
O5 NAG H . 18.29 29.57 -5.66
O6 NAG H . 20.67 29.93 -7.16
O7 NAG H . 16.15 31.99 -2.46
O23 J34 I . 3.78 0.64 8.55
C12 J34 I . 3.17 1.41 7.82
N2 J34 I . 3.71 1.91 6.67
C11 J34 I . 5.02 1.54 6.15
C10 J34 I . 4.97 1.11 4.68
C9 J34 I . 4.42 -0.29 4.48
C8 J34 I . 4.23 -0.50 2.96
C1 J34 I . 3.99 -1.92 2.36
N J34 I . 3.92 -1.73 0.93
C2 J34 I . 4.98 -1.75 0.11
O6 J34 I . 6.10 -1.93 0.55
N1 J34 I . 4.80 -1.57 -1.20
C3 J34 I . 5.94 -1.07 -1.97
C7 J34 I . 6.56 0.11 -1.25
O5 J34 I . 7.83 0.32 -1.54
O4 J34 I . 6.00 0.83 -0.43
C4 J34 I . 5.51 -0.58 -3.38
C5 J34 I . 4.43 0.52 -3.24
C6 J34 I . 4.20 1.27 -4.51
O3 J34 I . 5.02 1.37 -5.45
O2 J34 I . 3.06 1.92 -4.66
C J34 I . 2.69 -2.57 2.76
O1 J34 I . 2.65 -3.61 3.46
O J34 I . 1.60 -2.14 2.20
N3 J34 I . 1.93 1.84 8.14
C13 J34 I . 1.06 1.30 9.04
C18 J34 I . -0.31 1.61 8.92
C17 J34 I . -1.24 1.09 9.81
C16 J34 I . -0.81 0.25 10.84
C15 J34 I . 0.56 -0.05 10.99
C14 J34 I . 1.49 0.46 10.08
O7 J34 I . -0.76 2.42 7.91
C19 J34 I . -0.86 3.83 8.03
C20 J34 I . -1.13 4.44 6.66
N4 J34 I . -0.93 5.87 6.64
C21 J34 I . 0.22 6.53 6.93
O22 J34 I . 1.36 6.25 6.50
C22 J34 I . -0.06 7.70 7.84
ZN ZN J . 4.85 -6.25 -0.28
ZN ZN K . 7.38 -4.21 -0.01
CL CL L . -2.11 -6.58 2.61
CA CA M . 0.39 -0.50 -18.82
#